data_1LQS
#
_entry.id   1LQS
#
_cell.length_a   114.290
_cell.length_b   104.680
_cell.length_c   91.890
_cell.angle_alpha   90.00
_cell.angle_beta   106.49
_cell.angle_gamma   90.00
#
_symmetry.space_group_name_H-M   'C 1 2 1'
#
loop_
_entity.id
_entity.type
_entity.pdbx_description
1 polymer 'INTERLEUKIN-10 RECEPTOR ALPHA CHAIN'
2 polymer 'INTERLEUKIN-10-LIKE PROTEIN'
3 non-polymer 2-acetamido-2-deoxy-beta-D-glucopyranose
4 water water
#
loop_
_entity_poly.entity_id
_entity_poly.type
_entity_poly.pdbx_seq_one_letter_code
_entity_poly.pdbx_strand_id
1 'polypeptide(L)'
;HGTELPSPPSVWFEAEFFHHILHWTPIPQQSESTCYEVALLRYGIESWNSISQCSQTLSYDLTAVTLDLYHSNGYRARVR
AVDGSRHSQWTVTNTRFSVDEVTLTVGSVNLEIHNGFILGKIQLPRPKMAPAQDTYESIFSHFREYEIAIRKVPGQFTFT
HKKVKHEQFSLLTSGEVGEFCVQVKPSVASRSNKGMWSKEECISLTRQYFTVTN
;
R,S
2 'polypeptide(L)'
;SEEAKPATTTTIKNTKPQCRPEDYATRLQDLRVTFHRVKPTLQREDDYSVWLDGTVVKGCWGCSVMDWLLRRYLEIVFPA
GDHVYPGLKTELHSMRSTLESIYKDMRQCPLLGCGDKSVISRLSQEAERKSDNGTRKGLSELDTLFSRLEEYLHSRK
;
L,M
#
# COMPACT_ATOMS: atom_id res chain seq x y z
N GLY A 2 51.91 32.48 4.25
CA GLY A 2 52.22 31.73 5.51
C GLY A 2 51.12 30.78 5.98
N THR A 3 51.33 30.17 7.15
CA THR A 3 50.40 29.22 7.75
C THR A 3 50.42 27.91 6.97
N GLU A 4 51.47 27.12 7.16
CA GLU A 4 51.56 25.85 6.48
C GLU A 4 52.14 24.79 7.41
N LEU A 5 51.32 24.39 8.37
CA LEU A 5 51.70 23.36 9.33
C LEU A 5 51.46 22.02 8.66
N PRO A 6 52.18 20.98 9.09
CA PRO A 6 51.95 19.69 8.45
C PRO A 6 50.56 19.21 8.89
N SER A 7 49.87 18.50 8.01
CA SER A 7 48.54 18.04 8.35
C SER A 7 48.56 16.66 9.00
N PRO A 8 47.53 16.34 9.79
CA PRO A 8 47.47 15.04 10.45
C PRO A 8 47.63 13.96 9.40
N PRO A 9 48.57 13.03 9.60
CA PRO A 9 48.77 11.95 8.63
C PRO A 9 47.51 11.20 8.22
N SER A 10 46.60 10.97 9.17
CA SER A 10 45.36 10.25 8.87
C SER A 10 44.25 10.48 9.89
N VAL A 11 43.02 10.28 9.43
CA VAL A 11 41.81 10.46 10.25
C VAL A 11 40.89 9.27 9.98
N TRP A 12 40.38 8.67 11.04
CA TRP A 12 39.50 7.50 10.90
C TRP A 12 38.60 7.34 12.12
N PHE A 13 37.46 6.68 11.94
CA PHE A 13 36.54 6.43 13.05
C PHE A 13 36.82 5.06 13.64
N GLU A 14 36.48 4.89 14.91
CA GLU A 14 36.62 3.61 15.61
C GLU A 14 35.36 3.61 16.44
N ALA A 15 34.30 3.00 15.93
CA ALA A 15 33.02 3.02 16.63
C ALA A 15 32.35 1.71 17.01
N GLU A 16 31.56 1.81 18.07
CA GLU A 16 30.77 0.70 18.59
C GLU A 16 29.38 1.32 18.74
N PHE A 17 28.37 0.51 19.04
CA PHE A 17 27.00 1.02 19.14
C PHE A 17 26.85 2.29 19.98
N PHE A 18 26.55 3.38 19.28
CA PHE A 18 26.40 4.70 19.89
C PHE A 18 27.63 5.13 20.68
N HIS A 19 28.79 4.90 20.07
CA HIS A 19 30.07 5.27 20.65
C HIS A 19 30.90 5.53 19.39
N HIS A 20 30.64 6.67 18.76
CA HIS A 20 31.33 7.04 17.52
C HIS A 20 32.55 7.91 17.81
N ILE A 21 33.70 7.27 17.91
CA ILE A 21 34.91 7.99 18.23
C ILE A 21 35.86 8.23 17.04
N LEU A 22 36.24 9.49 16.89
CA LEU A 22 37.13 9.89 15.82
C LEU A 22 38.59 9.90 16.28
N HIS A 23 39.43 9.21 15.53
CA HIS A 23 40.85 9.12 15.85
C HIS A 23 41.70 9.72 14.73
N TRP A 24 42.89 10.18 15.09
CA TRP A 24 43.83 10.75 14.13
C TRP A 24 45.24 10.72 14.69
N THR A 25 46.21 10.59 13.80
CA THR A 25 47.62 10.55 14.20
C THR A 25 48.13 11.96 14.47
N PRO A 26 49.20 12.09 15.26
CA PRO A 26 49.72 13.43 15.54
C PRO A 26 50.58 13.96 14.40
N ILE A 27 50.72 15.28 14.32
CA ILE A 27 51.54 15.88 13.28
C ILE A 27 52.99 15.91 13.74
N PRO A 28 53.93 15.51 12.87
CA PRO A 28 55.33 15.54 13.27
C PRO A 28 55.75 16.92 13.79
N GLN A 29 56.51 16.93 14.87
CA GLN A 29 56.97 18.17 15.50
C GLN A 29 55.85 18.94 16.21
N GLN A 30 54.86 18.22 16.70
CA GLN A 30 53.76 18.86 17.41
C GLN A 30 54.32 19.62 18.62
N SER A 31 53.85 20.84 18.81
CA SER A 31 54.29 21.66 19.93
C SER A 31 53.29 21.56 21.06
N GLU A 32 53.46 22.41 22.06
CA GLU A 32 52.58 22.43 23.22
C GLU A 32 51.41 23.40 23.02
N SER A 33 51.53 24.30 22.05
CA SER A 33 50.47 25.26 21.77
C SER A 33 49.67 24.82 20.56
N THR A 34 49.95 23.59 20.11
CA THR A 34 49.30 23.00 18.95
C THR A 34 48.06 22.19 19.28
N CYS A 35 46.97 22.45 18.58
CA CYS A 35 45.75 21.68 18.78
C CYS A 35 45.14 21.22 17.48
N TYR A 36 44.01 20.54 17.59
CA TYR A 36 43.34 20.02 16.42
C TYR A 36 41.88 20.46 16.33
N GLU A 37 41.45 20.76 15.12
CA GLU A 37 40.08 21.19 14.86
C GLU A 37 39.38 20.03 14.14
N VAL A 38 38.29 19.56 14.75
CA VAL A 38 37.51 18.47 14.19
C VAL A 38 36.19 18.97 13.62
N ALA A 39 36.00 18.77 12.33
CA ALA A 39 34.80 19.20 11.62
C ALA A 39 34.01 18.00 11.16
N LEU A 40 32.69 18.17 11.04
CA LEU A 40 31.79 17.09 10.65
C LEU A 40 30.81 17.43 9.54
N LEU A 41 30.72 16.56 8.54
CA LEU A 41 29.80 16.75 7.44
C LEU A 41 28.88 15.55 7.32
N ARG A 42 27.60 15.82 7.13
CA ARG A 42 26.60 14.77 6.99
C ARG A 42 26.20 14.61 5.53
N TYR A 43 26.27 13.40 5.01
CA TYR A 43 25.90 13.19 3.62
C TYR A 43 24.51 13.72 3.32
N GLY A 44 24.39 14.41 2.19
CA GLY A 44 23.12 14.98 1.78
C GLY A 44 23.05 16.48 1.94
N ILE A 45 24.02 17.03 2.66
CA ILE A 45 24.06 18.47 2.90
C ILE A 45 25.51 18.93 2.81
N GLU A 46 25.91 19.38 1.63
CA GLU A 46 27.28 19.84 1.42
C GLU A 46 27.70 20.99 2.34
N SER A 47 28.05 20.68 3.57
CA SER A 47 28.48 21.72 4.49
C SER A 47 29.17 21.15 5.72
N TRP A 48 30.35 21.70 6.02
CA TRP A 48 31.14 21.29 7.18
C TRP A 48 30.86 22.14 8.40
N ASN A 49 30.88 21.51 9.56
CA ASN A 49 30.65 22.21 10.82
C ASN A 49 31.69 21.76 11.82
N SER A 50 32.48 22.72 12.31
CA SER A 50 33.51 22.41 13.28
C SER A 50 32.84 22.02 14.58
N ILE A 51 33.22 20.86 15.10
CA ILE A 51 32.65 20.40 16.36
C ILE A 51 33.53 20.95 17.47
N SER A 52 34.85 20.89 17.26
CA SER A 52 35.80 21.39 18.24
C SER A 52 36.84 22.24 17.51
N GLN A 53 37.05 23.46 18.02
CA GLN A 53 37.99 24.40 17.44
C GLN A 53 39.46 24.11 17.81
N CYS A 54 39.69 23.77 19.08
CA CYS A 54 41.04 23.48 19.56
C CYS A 54 41.03 22.37 20.60
N SER A 55 41.21 21.15 20.13
CA SER A 55 41.23 19.99 21.00
C SER A 55 42.65 19.47 21.13
N GLN A 56 43.16 19.47 22.35
CA GLN A 56 44.52 18.99 22.59
C GLN A 56 44.49 17.49 22.87
N THR A 57 44.03 16.73 21.89
CA THR A 57 43.91 15.27 22.02
C THR A 57 44.16 14.60 20.68
N LEU A 58 44.03 13.27 20.67
CA LEU A 58 44.20 12.51 19.43
C LEU A 58 42.89 11.81 19.10
N SER A 59 41.83 12.17 19.82
CA SER A 59 40.52 11.57 19.59
C SER A 59 39.41 12.49 20.04
N TYR A 60 38.22 12.28 19.52
CA TYR A 60 37.06 13.09 19.88
C TYR A 60 35.77 12.29 19.71
N ASP A 61 34.90 12.34 20.73
CA ASP A 61 33.64 11.61 20.70
C ASP A 61 32.58 12.39 19.90
N LEU A 62 32.22 11.88 18.73
CA LEU A 62 31.25 12.51 17.85
C LEU A 62 29.83 11.94 17.99
N THR A 63 29.62 11.16 19.04
CA THR A 63 28.32 10.55 19.28
C THR A 63 27.19 11.56 19.44
N ALA A 64 27.38 12.53 20.33
CA ALA A 64 26.36 13.54 20.55
C ALA A 64 25.92 14.21 19.25
N VAL A 65 26.79 14.20 18.24
CA VAL A 65 26.44 14.82 16.97
C VAL A 65 26.19 13.87 15.82
N THR A 66 26.11 12.58 16.09
CA THR A 66 25.83 11.60 15.03
C THR A 66 24.76 10.61 15.49
N LEU A 67 23.82 11.07 16.31
CA LEU A 67 22.77 10.21 16.82
C LEU A 67 21.92 9.52 15.78
N ASP A 68 21.73 10.15 14.63
CA ASP A 68 20.90 9.55 13.60
C ASP A 68 21.72 8.81 12.58
N LEU A 69 22.81 8.24 13.04
CA LEU A 69 23.70 7.48 12.17
C LEU A 69 22.97 6.29 11.58
N TYR A 70 22.19 5.62 12.42
CA TYR A 70 21.44 4.43 12.02
C TYR A 70 20.15 4.76 11.30
N HIS A 71 20.00 6.02 10.91
CA HIS A 71 18.82 6.47 10.18
C HIS A 71 19.27 7.48 9.14
N SER A 72 20.55 7.47 8.81
CA SER A 72 21.08 8.43 7.85
C SER A 72 21.79 7.77 6.69
N ASN A 73 22.51 8.58 5.92
CA ASN A 73 23.27 8.08 4.79
C ASN A 73 24.74 8.23 5.08
N GLY A 74 25.07 8.37 6.37
CA GLY A 74 26.46 8.50 6.79
C GLY A 74 27.07 9.89 6.84
N TYR A 75 28.21 9.99 7.51
CA TYR A 75 28.91 11.25 7.65
C TYR A 75 30.34 11.14 7.12
N ARG A 76 31.00 12.28 7.03
CA ARG A 76 32.38 12.32 6.62
C ARG A 76 33.01 13.16 7.70
N ALA A 77 34.29 12.98 7.98
CA ALA A 77 34.94 13.77 9.02
C ALA A 77 36.32 14.23 8.63
N ARG A 78 36.77 15.32 9.24
CA ARG A 78 38.09 15.84 8.93
C ARG A 78 38.69 16.55 10.15
N VAL A 79 40.01 16.52 10.23
CA VAL A 79 40.74 17.13 11.33
C VAL A 79 41.90 17.90 10.74
N ARG A 80 42.21 19.04 11.33
CA ARG A 80 43.34 19.83 10.88
C ARG A 80 44.06 20.38 12.10
N ALA A 81 45.37 20.56 11.98
CA ALA A 81 46.18 21.07 13.08
C ALA A 81 46.15 22.59 13.07
N VAL A 82 46.14 23.19 14.25
CA VAL A 82 46.14 24.62 14.37
C VAL A 82 47.12 25.02 15.45
N ASP A 83 47.85 26.10 15.20
CA ASP A 83 48.84 26.58 16.15
C ASP A 83 48.77 28.11 16.06
N GLY A 84 47.93 28.70 16.91
CA GLY A 84 47.79 30.13 16.89
C GLY A 84 47.09 30.56 15.61
N SER A 85 47.82 31.20 14.73
CA SER A 85 47.26 31.68 13.47
C SER A 85 47.60 30.78 12.30
N ARG A 86 48.32 29.69 12.57
CA ARG A 86 48.69 28.77 11.51
C ARG A 86 47.86 27.50 11.59
N HIS A 87 47.59 26.91 10.44
CA HIS A 87 46.85 25.66 10.39
C HIS A 87 47.04 24.98 9.04
N SER A 88 47.16 23.65 9.09
CA SER A 88 47.37 22.84 7.91
C SER A 88 46.12 22.64 7.09
N GLN A 89 46.26 21.85 6.03
CA GLN A 89 45.12 21.50 5.19
C GLN A 89 44.35 20.46 6.01
N TRP A 90 43.11 20.19 5.65
CA TRP A 90 42.35 19.19 6.39
C TRP A 90 42.71 17.80 5.93
N THR A 91 42.50 16.85 6.82
CA THR A 91 42.72 15.44 6.50
C THR A 91 41.32 14.88 6.73
N VAL A 92 40.74 14.30 5.70
CA VAL A 92 39.39 13.78 5.86
C VAL A 92 39.32 12.26 5.81
N THR A 93 38.31 11.70 6.45
CA THR A 93 38.12 10.27 6.46
C THR A 93 38.06 9.78 5.01
N ASN A 94 38.55 8.57 4.77
CA ASN A 94 38.58 8.07 3.41
C ASN A 94 37.35 7.26 2.97
N THR A 95 36.39 7.10 3.88
CA THR A 95 35.16 6.36 3.56
C THR A 95 34.00 7.00 4.29
N ARG A 96 32.78 6.70 3.85
CA ARG A 96 31.56 7.22 4.47
C ARG A 96 31.30 6.48 5.77
N PHE A 97 31.23 7.21 6.88
CA PHE A 97 30.98 6.58 8.16
C PHE A 97 29.49 6.29 8.28
N SER A 98 29.14 5.02 8.49
CA SER A 98 27.75 4.59 8.60
C SER A 98 27.62 3.39 9.54
N VAL A 99 26.41 2.85 9.62
CA VAL A 99 26.16 1.70 10.48
C VAL A 99 27.10 0.54 10.11
N ASP A 100 27.49 0.48 8.83
CA ASP A 100 28.38 -0.58 8.35
C ASP A 100 29.70 -0.64 9.10
N GLU A 101 30.26 0.51 9.41
CA GLU A 101 31.53 0.56 10.08
C GLU A 101 31.46 0.49 11.57
N VAL A 102 30.32 0.14 12.12
CA VAL A 102 30.24 0.06 13.57
C VAL A 102 30.60 -1.35 14.00
N THR A 103 31.43 -1.46 15.01
CA THR A 103 31.83 -2.78 15.49
C THR A 103 30.80 -3.28 16.47
N LEU A 104 30.38 -4.54 16.30
CA LEU A 104 29.36 -5.11 17.16
C LEU A 104 29.99 -5.58 18.46
N THR A 105 29.36 -5.22 19.58
CA THR A 105 29.84 -5.62 20.88
C THR A 105 28.63 -6.06 21.69
N VAL A 106 28.85 -6.84 22.75
CA VAL A 106 27.75 -7.26 23.60
C VAL A 106 27.98 -6.70 25.00
N GLY A 107 26.93 -6.20 25.62
CA GLY A 107 27.07 -5.63 26.95
C GLY A 107 27.62 -6.57 28.03
N SER A 108 27.04 -7.77 28.11
CA SER A 108 27.45 -8.75 29.12
C SER A 108 26.69 -10.05 28.96
N VAL A 109 27.27 -11.12 29.48
CA VAL A 109 26.64 -12.43 29.39
C VAL A 109 26.33 -12.96 30.79
N ASN A 110 25.08 -13.33 31.01
CA ASN A 110 24.63 -13.85 32.31
C ASN A 110 24.50 -15.35 32.27
N LEU A 111 25.31 -16.04 33.07
CA LEU A 111 25.25 -17.49 33.10
C LEU A 111 24.50 -17.97 34.34
N GLU A 112 23.87 -19.13 34.23
CA GLU A 112 23.13 -19.71 35.34
C GLU A 112 23.08 -21.22 35.15
N ILE A 113 22.95 -21.95 36.25
CA ILE A 113 22.86 -23.40 36.17
C ILE A 113 21.50 -23.86 36.66
N HIS A 114 20.97 -24.85 35.97
CA HIS A 114 19.67 -25.40 36.30
C HIS A 114 19.57 -26.81 35.73
N ASN A 115 19.35 -27.78 36.61
CA ASN A 115 19.23 -29.18 36.23
C ASN A 115 20.14 -29.58 35.08
N GLY A 116 21.44 -29.48 35.28
CA GLY A 116 22.38 -29.88 34.25
C GLY A 116 22.37 -29.01 33.01
N PHE A 117 21.93 -27.77 33.16
CA PHE A 117 21.93 -26.86 32.03
C PHE A 117 22.62 -25.57 32.39
N ILE A 118 23.34 -25.01 31.44
CA ILE A 118 23.96 -23.72 31.64
C ILE A 118 23.06 -22.86 30.73
N LEU A 119 22.34 -21.95 31.35
CA LEU A 119 21.44 -21.09 30.62
C LEU A 119 22.09 -19.72 30.50
N GLY A 120 22.32 -19.30 29.26
CA GLY A 120 22.95 -18.01 29.02
C GLY A 120 22.05 -16.94 28.44
N LYS A 121 22.25 -15.72 28.88
CA LYS A 121 21.49 -14.59 28.39
C LYS A 121 22.45 -13.48 27.97
N ILE A 122 22.48 -13.17 26.67
CA ILE A 122 23.35 -12.12 26.14
C ILE A 122 22.66 -10.76 26.24
N GLN A 123 23.27 -9.85 27.00
CA GLN A 123 22.74 -8.50 27.18
C GLN A 123 23.40 -7.54 26.19
N LEU A 124 22.71 -7.23 25.11
CA LEU A 124 23.27 -6.32 24.13
C LEU A 124 23.55 -4.96 24.75
N PRO A 125 24.45 -4.17 24.15
CA PRO A 125 24.78 -2.85 24.70
C PRO A 125 23.64 -1.84 24.74
N ARG A 126 23.52 -1.14 25.85
CA ARG A 126 22.52 -0.11 26.02
C ARG A 126 23.21 1.21 26.34
N PRO A 127 23.88 1.80 25.34
CA PRO A 127 24.56 3.07 25.60
C PRO A 127 23.58 4.18 26.00
N LYS A 128 23.94 4.96 27.01
CA LYS A 128 23.07 6.04 27.44
C LYS A 128 22.71 7.01 26.31
N MET A 129 23.68 7.35 25.47
CA MET A 129 23.47 8.28 24.37
C MET A 129 22.40 7.79 23.38
N ALA A 130 22.16 6.49 23.35
CA ALA A 130 21.18 5.92 22.43
C ALA A 130 19.73 6.33 22.70
N PRO A 131 19.11 7.01 21.74
CA PRO A 131 17.71 7.44 21.90
C PRO A 131 16.78 6.24 22.12
N ALA A 132 15.95 6.35 23.15
CA ALA A 132 15.00 5.32 23.54
C ALA A 132 14.68 4.20 22.54
N GLN A 133 14.03 4.54 21.44
CA GLN A 133 13.64 3.56 20.44
C GLN A 133 14.73 3.06 19.47
N ASP A 134 15.97 3.44 19.71
CA ASP A 134 17.04 2.97 18.85
C ASP A 134 17.90 1.94 19.58
N THR A 135 17.30 0.79 19.86
CA THR A 135 17.99 -0.28 20.55
C THR A 135 18.78 -1.13 19.56
N TYR A 136 19.76 -1.86 20.07
CA TYR A 136 20.57 -2.71 19.23
C TYR A 136 19.60 -3.56 18.43
N GLU A 137 18.61 -4.13 19.12
CA GLU A 137 17.60 -4.98 18.49
C GLU A 137 16.81 -4.20 17.44
N SER A 138 16.45 -2.96 17.76
CA SER A 138 15.72 -2.12 16.82
C SER A 138 16.53 -1.89 15.54
N ILE A 139 17.79 -1.53 15.70
CA ILE A 139 18.68 -1.24 14.57
C ILE A 139 19.09 -2.50 13.80
N PHE A 140 19.52 -3.54 14.51
CA PHE A 140 19.90 -4.78 13.84
C PHE A 140 18.78 -5.79 14.12
N SER A 141 17.64 -5.54 13.48
CA SER A 141 16.41 -6.30 13.61
C SER A 141 16.39 -7.76 13.15
N HIS A 142 17.32 -8.15 12.28
CA HIS A 142 17.29 -9.54 11.82
C HIS A 142 18.65 -10.18 11.72
N PHE A 143 18.65 -11.51 11.81
CA PHE A 143 19.86 -12.30 11.69
C PHE A 143 20.95 -12.04 12.72
N ARG A 144 20.59 -11.63 13.93
CA ARG A 144 21.61 -11.44 14.94
C ARG A 144 22.17 -12.81 15.33
N GLU A 145 23.48 -12.96 15.33
CA GLU A 145 24.07 -14.24 15.68
C GLU A 145 25.24 -14.09 16.63
N TYR A 146 25.55 -15.16 17.33
CA TYR A 146 26.64 -15.12 18.29
C TYR A 146 27.50 -16.37 18.30
N GLU A 147 28.80 -16.16 18.33
CA GLU A 147 29.76 -17.26 18.40
C GLU A 147 30.02 -17.44 19.90
N ILE A 148 29.85 -18.66 20.37
CA ILE A 148 30.08 -18.96 21.77
C ILE A 148 31.31 -19.84 21.91
N ALA A 149 32.28 -19.36 22.69
CA ALA A 149 33.52 -20.09 22.93
C ALA A 149 33.53 -20.52 24.39
N ILE A 150 33.52 -21.83 24.60
CA ILE A 150 33.52 -22.37 25.96
C ILE A 150 34.87 -22.97 26.29
N ARG A 151 35.28 -22.83 27.55
CA ARG A 151 36.54 -23.42 28.02
C ARG A 151 36.35 -23.90 29.43
N LYS A 152 36.91 -25.07 29.74
CA LYS A 152 36.82 -25.63 31.08
C LYS A 152 38.04 -25.15 31.86
N VAL A 153 37.81 -24.54 33.02
CA VAL A 153 38.89 -24.01 33.86
C VAL A 153 39.97 -25.05 34.12
N PRO A 154 39.59 -26.17 34.77
CA PRO A 154 40.60 -27.19 35.04
C PRO A 154 41.03 -27.84 33.73
N GLY A 155 40.74 -27.17 32.62
CA GLY A 155 41.10 -27.66 31.30
C GLY A 155 42.33 -26.94 30.77
N GLN A 156 42.12 -25.87 29.99
CA GLN A 156 43.24 -25.10 29.45
C GLN A 156 42.79 -23.90 28.63
N PHE A 157 43.71 -23.40 27.79
CA PHE A 157 43.42 -22.25 26.94
C PHE A 157 43.00 -22.68 25.55
N THR A 158 42.23 -23.76 25.50
CA THR A 158 41.70 -24.28 24.26
C THR A 158 40.20 -24.03 24.31
N PHE A 159 39.61 -23.69 23.16
CA PHE A 159 38.18 -23.38 23.12
C PHE A 159 37.39 -24.20 22.13
N THR A 160 36.11 -24.41 22.44
CA THR A 160 35.20 -25.15 21.57
C THR A 160 34.09 -24.18 21.16
N HIS A 161 33.77 -24.19 19.87
CA HIS A 161 32.76 -23.30 19.32
C HIS A 161 31.32 -23.78 19.32
N LYS A 162 30.40 -22.83 19.21
CA LYS A 162 28.97 -23.09 19.22
C LYS A 162 28.27 -21.80 18.78
N LYS A 163 27.63 -21.82 17.61
CA LYS A 163 26.95 -20.63 17.10
C LYS A 163 25.47 -20.63 17.42
N VAL A 164 24.94 -19.48 17.83
CA VAL A 164 23.53 -19.39 18.16
C VAL A 164 22.86 -18.19 17.50
N LYS A 165 21.56 -18.27 17.30
CA LYS A 165 20.82 -17.20 16.64
C LYS A 165 19.87 -16.45 17.54
N HIS A 166 20.06 -16.57 18.84
CA HIS A 166 19.20 -15.87 19.78
C HIS A 166 20.05 -15.27 20.90
N GLU A 167 19.50 -14.33 21.65
CA GLU A 167 20.24 -13.72 22.74
C GLU A 167 20.27 -14.67 23.96
N GLN A 168 19.54 -15.76 23.85
CA GLN A 168 19.48 -16.75 24.92
C GLN A 168 20.01 -18.03 24.34
N PHE A 169 20.71 -18.81 25.16
CA PHE A 169 21.26 -20.07 24.70
C PHE A 169 21.45 -21.05 25.87
N SER A 170 21.63 -22.32 25.53
CA SER A 170 21.82 -23.34 26.54
C SER A 170 22.96 -24.26 26.16
N LEU A 171 23.69 -24.72 27.18
CA LEU A 171 24.78 -25.65 26.99
C LEU A 171 24.51 -26.73 28.03
N LEU A 172 24.51 -27.99 27.65
CA LEU A 172 24.24 -28.99 28.66
C LEU A 172 25.49 -29.50 29.39
N THR A 173 25.35 -29.59 30.70
CA THR A 173 26.38 -30.06 31.62
C THR A 173 26.14 -31.55 31.87
N SER A 174 26.20 -32.37 30.83
CA SER A 174 25.98 -33.81 30.99
C SER A 174 26.89 -34.41 32.08
N GLY A 175 26.41 -34.33 33.32
CA GLY A 175 27.15 -34.87 34.45
C GLY A 175 28.62 -34.47 34.60
N GLU A 176 28.92 -33.21 34.29
CA GLU A 176 30.28 -32.70 34.39
C GLU A 176 30.47 -31.89 35.66
N VAL A 177 31.71 -31.78 36.10
CA VAL A 177 32.04 -31.00 37.29
C VAL A 177 33.09 -29.99 36.90
N GLY A 178 33.23 -28.93 37.69
CA GLY A 178 34.23 -27.94 37.38
C GLY A 178 33.67 -26.55 37.11
N GLU A 179 34.48 -25.73 36.46
CA GLU A 179 34.08 -24.38 36.14
C GLU A 179 34.09 -24.16 34.63
N PHE A 180 33.02 -23.57 34.11
CA PHE A 180 32.91 -23.29 32.68
C PHE A 180 32.96 -21.79 32.44
N CYS A 181 33.83 -21.37 31.53
CA CYS A 181 33.98 -19.97 31.17
C CYS A 181 33.60 -19.81 29.70
N VAL A 182 32.80 -18.79 29.39
CA VAL A 182 32.40 -18.59 28.01
C VAL A 182 32.58 -17.16 27.51
N GLN A 183 32.90 -17.03 26.24
CA GLN A 183 33.06 -15.71 25.61
C GLN A 183 32.07 -15.65 24.46
N VAL A 184 31.51 -14.48 24.23
CA VAL A 184 30.55 -14.29 23.15
C VAL A 184 30.97 -13.28 22.10
N LYS A 185 30.81 -13.67 20.83
CA LYS A 185 31.15 -12.79 19.70
C LYS A 185 29.92 -12.56 18.81
N PRO A 186 29.39 -11.33 18.79
CA PRO A 186 28.21 -10.94 18.01
C PRO A 186 28.47 -10.64 16.54
N SER A 187 27.46 -10.89 15.73
CA SER A 187 27.51 -10.62 14.29
C SER A 187 26.07 -10.59 13.74
N VAL A 188 25.94 -10.24 12.47
CA VAL A 188 24.64 -10.15 11.82
C VAL A 188 24.84 -10.84 10.48
N ALA A 189 24.33 -12.07 10.40
CA ALA A 189 24.50 -12.92 9.23
C ALA A 189 24.43 -12.27 7.84
N SER A 190 23.74 -11.15 7.72
CA SER A 190 23.62 -10.50 6.42
C SER A 190 24.56 -9.33 6.29
N ARG A 191 25.22 -8.98 7.39
CA ARG A 191 26.11 -7.85 7.39
C ARG A 191 27.58 -8.23 7.44
N SER A 192 28.45 -7.23 7.28
CA SER A 192 29.88 -7.47 7.29
C SER A 192 30.53 -6.85 8.51
N ASN A 193 29.74 -6.20 9.36
CA ASN A 193 30.28 -5.58 10.56
C ASN A 193 31.09 -6.58 11.37
N LYS A 194 32.27 -6.18 11.79
CA LYS A 194 33.09 -7.06 12.58
C LYS A 194 32.60 -6.90 14.00
N GLY A 195 32.85 -7.91 14.83
CA GLY A 195 32.43 -7.86 16.22
C GLY A 195 33.58 -8.22 17.13
N MET A 196 33.44 -7.91 18.41
CA MET A 196 34.50 -8.24 19.35
C MET A 196 34.12 -9.14 20.48
N TRP A 197 35.00 -10.09 20.79
CA TRP A 197 34.77 -11.03 21.88
C TRP A 197 34.55 -10.30 23.20
N SER A 198 33.59 -10.82 23.96
CA SER A 198 33.26 -10.22 25.24
C SER A 198 34.20 -10.74 26.31
N LYS A 199 34.22 -10.05 27.46
CA LYS A 199 35.08 -10.52 28.52
C LYS A 199 34.55 -11.89 28.92
N GLU A 200 35.46 -12.82 29.13
CA GLU A 200 35.11 -14.15 29.52
C GLU A 200 34.29 -14.14 30.82
N GLU A 201 33.31 -15.01 30.89
CA GLU A 201 32.47 -15.12 32.07
C GLU A 201 32.52 -16.60 32.49
N CYS A 202 32.62 -16.84 33.79
CA CYS A 202 32.67 -18.22 34.27
C CYS A 202 31.56 -18.49 35.30
N ILE A 203 31.36 -19.78 35.57
CA ILE A 203 30.37 -20.21 36.54
C ILE A 203 30.80 -21.59 37.01
N SER A 204 30.51 -21.89 38.27
CA SER A 204 30.87 -23.17 38.85
C SER A 204 29.66 -24.06 38.92
N LEU A 205 29.87 -25.33 38.59
CA LEU A 205 28.77 -26.29 38.65
C LEU A 205 28.60 -26.66 40.11
N THR A 206 29.59 -27.39 40.62
CA THR A 206 29.61 -27.85 42.01
C THR A 206 29.61 -26.67 42.98
N ARG A 207 29.58 -26.99 44.27
CA ARG A 207 29.54 -26.00 45.35
C ARG A 207 30.48 -24.78 45.22
N GLN A 208 31.46 -24.86 44.32
CA GLN A 208 32.42 -23.75 44.12
C GLN A 208 31.74 -22.41 43.89
N GLY B 2 -47.99 -35.45 -13.76
CA GLY B 2 -48.20 -34.27 -14.66
C GLY B 2 -47.91 -32.94 -14.00
N THR B 3 -46.81 -32.86 -13.26
CA THR B 3 -46.42 -31.62 -12.57
C THR B 3 -45.92 -30.58 -13.58
N GLU B 4 -46.87 -29.95 -14.29
CA GLU B 4 -46.51 -28.94 -15.27
C GLU B 4 -47.46 -27.74 -15.25
N LEU B 5 -47.45 -27.04 -14.12
CA LEU B 5 -48.25 -25.84 -13.92
C LEU B 5 -47.62 -24.70 -14.71
N PRO B 6 -48.42 -23.72 -15.14
CA PRO B 6 -47.80 -22.63 -15.89
C PRO B 6 -46.92 -21.84 -14.91
N SER B 7 -45.82 -21.27 -15.40
CA SER B 7 -44.92 -20.53 -14.53
C SER B 7 -45.28 -19.05 -14.50
N PRO B 8 -44.91 -18.36 -13.40
CA PRO B 8 -45.21 -16.93 -13.30
C PRO B 8 -44.68 -16.20 -14.54
N PRO B 9 -45.53 -15.42 -15.21
CA PRO B 9 -45.11 -14.69 -16.42
C PRO B 9 -43.82 -13.88 -16.23
N SER B 10 -43.66 -13.26 -15.07
CA SER B 10 -42.47 -12.45 -14.81
C SER B 10 -42.18 -12.24 -13.32
N VAL B 11 -40.91 -11.96 -13.02
CA VAL B 11 -40.43 -11.71 -11.65
C VAL B 11 -39.47 -10.53 -11.68
N TRP B 12 -39.70 -9.55 -10.79
CA TRP B 12 -38.87 -8.36 -10.75
C TRP B 12 -38.86 -7.77 -9.35
N PHE B 13 -37.90 -6.88 -9.08
CA PHE B 13 -37.81 -6.23 -7.78
C PHE B 13 -38.33 -4.80 -7.93
N GLU B 14 -38.77 -4.23 -6.81
CA GLU B 14 -39.28 -2.86 -6.75
C GLU B 14 -38.77 -2.47 -5.38
N ALA B 15 -37.58 -1.88 -5.34
CA ALA B 15 -37.01 -1.53 -4.04
C ALA B 15 -36.65 -0.08 -3.85
N GLU B 16 -36.59 0.26 -2.56
CA GLU B 16 -36.23 1.58 -2.07
C GLU B 16 -35.20 1.27 -0.97
N PHE B 17 -34.56 2.31 -0.42
CA PHE B 17 -33.53 2.08 0.59
C PHE B 17 -33.92 1.13 1.72
N PHE B 18 -33.33 -0.06 1.70
CA PHE B 18 -33.58 -1.12 2.67
C PHE B 18 -35.06 -1.51 2.71
N HIS B 19 -35.61 -1.65 1.51
CA HIS B 19 -36.99 -2.04 1.33
C HIS B 19 -36.90 -2.73 -0.02
N HIS B 20 -36.41 -3.97 0.01
CA HIS B 20 -36.21 -4.76 -1.20
C HIS B 20 -37.34 -5.74 -1.38
N ILE B 21 -38.35 -5.31 -2.14
CA ILE B 21 -39.53 -6.11 -2.39
C ILE B 21 -39.56 -6.80 -3.75
N LEU B 22 -39.86 -8.10 -3.72
CA LEU B 22 -39.95 -8.91 -4.91
C LEU B 22 -41.41 -9.00 -5.37
N HIS B 23 -41.64 -8.74 -6.66
CA HIS B 23 -42.97 -8.78 -7.26
C HIS B 23 -42.97 -9.77 -8.41
N TRP B 24 -44.15 -10.33 -8.67
CA TRP B 24 -44.34 -11.28 -9.77
C TRP B 24 -45.81 -11.34 -10.12
N THR B 25 -46.09 -11.60 -11.40
CA THR B 25 -47.46 -11.69 -11.86
C THR B 25 -48.06 -13.06 -11.51
N PRO B 26 -49.41 -13.15 -11.50
CA PRO B 26 -50.08 -14.41 -11.18
C PRO B 26 -50.15 -15.36 -12.37
N ILE B 27 -50.16 -16.66 -12.10
CA ILE B 27 -50.23 -17.63 -13.18
C ILE B 27 -51.67 -17.77 -13.62
N PRO B 28 -51.91 -17.76 -14.95
CA PRO B 28 -53.28 -17.90 -15.43
C PRO B 28 -53.96 -19.16 -14.85
N GLN B 29 -55.22 -19.02 -14.45
CA GLN B 29 -56.00 -20.11 -13.86
C GLN B 29 -55.57 -20.48 -12.45
N GLN B 30 -55.00 -19.53 -11.73
CA GLN B 30 -54.56 -19.77 -10.37
C GLN B 30 -55.74 -20.26 -9.54
N SER B 31 -55.52 -21.32 -8.75
CA SER B 31 -56.56 -21.87 -7.91
C SER B 31 -56.42 -21.32 -6.50
N GLU B 32 -57.18 -21.88 -5.56
CA GLU B 32 -57.14 -21.42 -4.19
C GLU B 32 -56.09 -22.17 -3.37
N SER B 33 -55.66 -23.32 -3.88
CA SER B 33 -54.66 -24.13 -3.19
C SER B 33 -53.29 -23.91 -3.83
N THR B 34 -53.20 -22.88 -4.66
CA THR B 34 -51.97 -22.54 -5.35
C THR B 34 -51.15 -21.45 -4.68
N CYS B 35 -49.86 -21.71 -4.48
CA CYS B 35 -48.99 -20.71 -3.88
C CYS B 35 -47.71 -20.51 -4.69
N TYR B 36 -46.82 -19.67 -4.16
CA TYR B 36 -45.59 -19.38 -4.85
C TYR B 36 -44.37 -19.58 -3.96
N GLU B 37 -43.32 -20.14 -4.54
CA GLU B 37 -42.08 -20.38 -3.82
C GLU B 37 -41.02 -19.38 -4.30
N VAL B 38 -40.55 -18.56 -3.37
CA VAL B 38 -39.56 -17.53 -3.68
C VAL B 38 -38.17 -17.95 -3.20
N ALA B 39 -37.24 -18.06 -4.14
CA ALA B 39 -35.86 -18.46 -3.85
C ALA B 39 -34.92 -17.29 -4.12
N LEU B 40 -33.80 -17.26 -3.39
CA LEU B 40 -32.82 -16.19 -3.53
C LEU B 40 -31.38 -16.65 -3.70
N LEU B 41 -30.71 -16.09 -4.70
CA LEU B 41 -29.31 -16.42 -4.95
C LEU B 41 -28.45 -15.17 -4.90
N ARG B 42 -27.33 -15.26 -4.19
CA ARG B 42 -26.40 -14.13 -4.06
C ARG B 42 -25.19 -14.31 -4.97
N TYR B 43 -24.91 -13.31 -5.80
CA TYR B 43 -23.77 -13.41 -6.71
C TYR B 43 -22.47 -13.76 -5.98
N GLY B 44 -21.73 -14.70 -6.56
CA GLY B 44 -20.48 -15.12 -5.96
C GLY B 44 -20.56 -16.49 -5.32
N ILE B 45 -21.79 -17.01 -5.19
CA ILE B 45 -22.02 -18.31 -4.58
C ILE B 45 -23.13 -19.01 -5.34
N GLU B 46 -22.76 -19.83 -6.32
CA GLU B 46 -23.75 -20.54 -7.12
C GLU B 46 -24.64 -21.47 -6.28
N SER B 47 -25.68 -20.91 -5.67
CA SER B 47 -26.60 -21.71 -4.88
C SER B 47 -27.89 -20.97 -4.52
N TRP B 48 -29.02 -21.61 -4.78
CA TRP B 48 -30.32 -21.05 -4.49
C TRP B 48 -30.84 -21.49 -3.13
N ASN B 49 -31.53 -20.59 -2.45
CA ASN B 49 -32.12 -20.88 -1.15
C ASN B 49 -33.54 -20.35 -1.11
N SER B 50 -34.50 -21.25 -0.96
CA SER B 50 -35.90 -20.86 -0.89
C SER B 50 -36.11 -20.04 0.37
N ILE B 51 -36.72 -18.88 0.21
CA ILE B 51 -36.98 -18.01 1.35
C ILE B 51 -38.37 -18.35 1.86
N SER B 52 -39.28 -18.62 0.92
CA SER B 52 -40.64 -18.97 1.27
C SER B 52 -41.09 -20.15 0.41
N GLN B 53 -41.54 -21.21 1.08
CA GLN B 53 -41.99 -22.42 0.40
C GLN B 53 -43.37 -22.26 -0.25
N CYS B 54 -44.31 -21.64 0.48
CA CYS B 54 -45.67 -21.46 -0.02
C CYS B 54 -46.24 -20.12 0.42
N SER B 55 -46.11 -19.13 -0.45
CA SER B 55 -46.61 -17.78 -0.17
C SER B 55 -47.82 -17.49 -1.04
N GLN B 56 -48.95 -17.23 -0.40
CA GLN B 56 -50.17 -16.92 -1.12
C GLN B 56 -50.27 -15.42 -1.33
N THR B 57 -49.29 -14.87 -2.04
CA THR B 57 -49.22 -13.44 -2.32
C THR B 57 -48.61 -13.21 -3.70
N LEU B 58 -48.48 -11.93 -4.08
CA LEU B 58 -47.88 -11.61 -5.36
C LEU B 58 -46.60 -10.82 -5.10
N SER B 59 -46.18 -10.82 -3.84
CA SER B 59 -44.97 -10.10 -3.47
C SER B 59 -44.36 -10.65 -2.19
N TYR B 60 -43.09 -10.36 -1.96
CA TYR B 60 -42.38 -10.83 -0.78
C TYR B 60 -41.22 -9.88 -0.44
N ASP B 61 -41.14 -9.50 0.84
CA ASP B 61 -40.09 -8.60 1.30
C ASP B 61 -38.81 -9.37 1.60
N LEU B 62 -37.81 -9.21 0.73
CA LEU B 62 -36.53 -9.90 0.86
C LEU B 62 -35.48 -9.09 1.61
N THR B 63 -35.91 -7.98 2.20
CA THR B 63 -34.99 -7.11 2.94
C THR B 63 -34.19 -7.83 4.03
N ALA B 64 -34.90 -8.59 4.86
CA ALA B 64 -34.25 -9.31 5.95
C ALA B 64 -33.13 -10.21 5.44
N VAL B 65 -33.19 -10.60 4.18
CA VAL B 65 -32.16 -11.48 3.63
C VAL B 65 -31.26 -10.86 2.58
N THR B 66 -31.30 -9.55 2.45
CA THR B 66 -30.44 -8.87 1.48
C THR B 66 -29.80 -7.62 2.11
N LEU B 67 -29.57 -7.66 3.41
CA LEU B 67 -28.97 -6.54 4.14
C LEU B 67 -27.65 -6.03 3.59
N ASP B 68 -26.84 -6.93 3.03
CA ASP B 68 -25.56 -6.49 2.51
C ASP B 68 -25.61 -6.19 1.02
N LEU B 69 -26.76 -5.70 0.57
CA LEU B 69 -26.95 -5.36 -0.83
C LEU B 69 -26.00 -4.24 -1.25
N TYR B 70 -25.83 -3.26 -0.36
CA TYR B 70 -24.97 -2.12 -0.61
C TYR B 70 -23.49 -2.40 -0.34
N HIS B 71 -23.18 -3.69 -0.13
CA HIS B 71 -21.81 -4.15 0.13
C HIS B 71 -21.62 -5.48 -0.56
N SER B 72 -22.41 -5.72 -1.60
CA SER B 72 -22.33 -6.99 -2.31
C SER B 72 -22.16 -6.81 -3.81
N ASN B 73 -22.35 -7.90 -4.55
CA ASN B 73 -22.26 -7.87 -5.99
C ASN B 73 -23.62 -8.19 -6.58
N GLY B 74 -24.64 -7.98 -5.75
CA GLY B 74 -26.00 -8.23 -6.18
C GLY B 74 -26.53 -9.64 -6.03
N TYR B 75 -27.85 -9.76 -6.11
CA TYR B 75 -28.52 -11.04 -6.00
C TYR B 75 -29.37 -11.30 -7.26
N ARG B 76 -29.89 -12.52 -7.34
CA ARG B 76 -30.75 -12.90 -8.44
C ARG B 76 -31.96 -13.49 -7.73
N ALA B 77 -33.12 -13.48 -8.37
CA ALA B 77 -34.29 -14.03 -7.69
C ALA B 77 -35.19 -14.79 -8.62
N ARG B 78 -35.92 -15.75 -8.05
CA ARG B 78 -36.84 -16.57 -8.84
C ARG B 78 -38.06 -16.99 -8.03
N VAL B 79 -39.17 -17.13 -8.74
CA VAL B 79 -40.41 -17.54 -8.13
C VAL B 79 -41.02 -18.62 -9.00
N ARG B 80 -41.64 -19.60 -8.37
CA ARG B 80 -42.30 -20.67 -9.11
C ARG B 80 -43.61 -20.97 -8.41
N ALA B 81 -44.60 -21.37 -9.19
CA ALA B 81 -45.92 -21.71 -8.67
C ALA B 81 -45.93 -23.14 -8.19
N VAL B 82 -46.65 -23.39 -7.11
CA VAL B 82 -46.77 -24.73 -6.56
C VAL B 82 -48.22 -24.99 -6.17
N ASP B 83 -48.69 -26.18 -6.49
CA ASP B 83 -50.04 -26.59 -6.17
C ASP B 83 -49.97 -28.05 -5.68
N GLY B 84 -49.79 -28.21 -4.37
CA GLY B 84 -49.68 -29.54 -3.80
C GLY B 84 -48.38 -30.23 -4.22
N SER B 85 -48.48 -31.16 -5.17
CA SER B 85 -47.33 -31.89 -5.65
C SER B 85 -46.86 -31.39 -7.02
N ARG B 86 -47.58 -30.42 -7.58
CA ARG B 86 -47.20 -29.87 -8.88
C ARG B 86 -46.58 -28.49 -8.73
N HIS B 87 -45.62 -28.20 -9.60
CA HIS B 87 -44.97 -26.89 -9.60
C HIS B 87 -44.31 -26.64 -10.94
N SER B 88 -44.45 -25.41 -11.41
CA SER B 88 -43.89 -24.99 -12.70
C SER B 88 -42.39 -24.77 -12.67
N GLN B 89 -41.83 -24.41 -13.82
CA GLN B 89 -40.41 -24.12 -13.92
C GLN B 89 -40.26 -22.79 -13.18
N TRP B 90 -39.03 -22.42 -12.84
CA TRP B 90 -38.83 -21.15 -12.17
C TRP B 90 -38.81 -19.99 -13.16
N THR B 91 -39.11 -18.81 -12.64
CA THR B 91 -39.09 -17.59 -13.42
C THR B 91 -38.09 -16.77 -12.62
N VAL B 92 -36.98 -16.40 -13.23
CA VAL B 92 -35.98 -15.64 -12.50
C VAL B 92 -35.86 -14.21 -13.00
N THR B 93 -35.43 -13.32 -12.11
CA THR B 93 -35.26 -11.92 -12.46
C THR B 93 -34.34 -11.83 -13.67
N ASN B 94 -34.60 -10.87 -14.55
CA ASN B 94 -33.79 -10.73 -15.75
C ASN B 94 -32.51 -9.87 -15.64
N THR B 95 -32.23 -9.35 -14.44
CA THR B 95 -31.04 -8.53 -14.21
C THR B 95 -30.56 -8.70 -12.77
N ARG B 96 -29.29 -8.40 -12.54
CA ARG B 96 -28.70 -8.50 -11.22
C ARG B 96 -29.29 -7.40 -10.34
N PHE B 97 -29.81 -7.78 -9.18
CA PHE B 97 -30.39 -6.80 -8.27
C PHE B 97 -29.28 -6.24 -7.38
N SER B 98 -29.06 -4.93 -7.46
CA SER B 98 -28.02 -4.25 -6.68
C SER B 98 -28.44 -2.84 -6.30
N VAL B 99 -27.51 -2.10 -5.70
CA VAL B 99 -27.77 -0.73 -5.30
C VAL B 99 -28.29 0.09 -6.50
N ASP B 100 -27.83 -0.26 -7.69
CA ASP B 100 -28.21 0.44 -8.91
C ASP B 100 -29.71 0.51 -9.13
N GLU B 101 -30.41 -0.57 -8.80
CA GLU B 101 -31.85 -0.66 -9.01
C GLU B 101 -32.72 -0.17 -7.86
N VAL B 102 -32.13 0.50 -6.89
CA VAL B 102 -32.90 1.01 -5.77
C VAL B 102 -33.41 2.40 -6.09
N THR B 103 -34.68 2.66 -5.80
CA THR B 103 -35.25 3.97 -6.07
C THR B 103 -34.89 4.89 -4.91
N LEU B 104 -34.45 6.10 -5.24
CA LEU B 104 -34.08 7.03 -4.20
C LEU B 104 -35.30 7.78 -3.70
N THR B 105 -35.39 7.94 -2.39
CA THR B 105 -36.50 8.62 -1.76
C THR B 105 -35.93 9.42 -0.61
N VAL B 106 -36.64 10.45 -0.17
CA VAL B 106 -36.16 11.23 0.94
C VAL B 106 -37.16 11.02 2.07
N GLY B 107 -36.66 11.07 3.31
CA GLY B 107 -37.52 10.89 4.46
C GLY B 107 -38.48 12.02 4.73
N SER B 108 -38.00 13.26 4.72
CA SER B 108 -38.84 14.41 4.99
C SER B 108 -38.06 15.71 4.84
N VAL B 109 -38.77 16.80 4.58
CA VAL B 109 -38.14 18.11 4.40
C VAL B 109 -38.61 19.08 5.48
N ASN B 110 -37.67 19.71 6.17
CA ASN B 110 -38.03 20.63 7.23
C ASN B 110 -37.81 22.05 6.77
N LEU B 111 -38.88 22.82 6.73
CA LEU B 111 -38.77 24.19 6.30
C LEU B 111 -38.80 25.13 7.50
N GLU B 112 -38.18 26.29 7.34
CA GLU B 112 -38.12 27.29 8.40
C GLU B 112 -37.95 28.65 7.77
N ILE B 113 -38.33 29.69 8.49
CA ILE B 113 -38.15 31.02 7.96
C ILE B 113 -37.27 31.83 8.90
N HIS B 114 -36.36 32.59 8.31
CA HIS B 114 -35.46 33.41 9.08
C HIS B 114 -34.97 34.57 8.23
N ASN B 115 -35.21 35.78 8.71
CA ASN B 115 -34.84 37.02 8.03
C ASN B 115 -34.97 36.92 6.52
N GLY B 116 -36.18 36.69 6.03
CA GLY B 116 -36.37 36.62 4.60
C GLY B 116 -35.76 35.41 3.92
N PHE B 117 -35.52 34.37 4.68
CA PHE B 117 -34.96 33.16 4.10
C PHE B 117 -35.81 31.97 4.44
N ILE B 118 -35.87 31.03 3.52
CA ILE B 118 -36.59 29.80 3.76
C ILE B 118 -35.43 28.83 3.81
N LEU B 119 -35.18 28.30 4.99
CA LEU B 119 -34.08 27.37 5.18
C LEU B 119 -34.67 25.98 5.17
N GLY B 120 -34.18 25.14 4.26
CA GLY B 120 -34.66 23.78 4.16
C GLY B 120 -33.65 22.71 4.51
N LYS B 121 -34.12 21.66 5.17
CA LYS B 121 -33.26 20.56 5.58
C LYS B 121 -33.86 19.23 5.13
N ILE B 122 -33.20 18.57 4.19
CA ILE B 122 -33.66 17.29 3.68
C ILE B 122 -33.19 16.12 4.56
N GLN B 123 -34.15 15.41 5.14
CA GLN B 123 -33.87 14.26 6.01
C GLN B 123 -33.93 12.96 5.21
N LEU B 124 -32.79 12.45 4.80
CA LEU B 124 -32.79 11.21 4.05
C LEU B 124 -33.45 10.08 4.86
N PRO B 125 -33.85 9.00 4.19
CA PRO B 125 -34.49 7.89 4.88
C PRO B 125 -33.61 7.11 5.85
N ARG B 126 -34.17 6.81 7.02
CA ARG B 126 -33.46 6.04 8.02
C ARG B 126 -34.30 4.79 8.33
N PRO B 127 -34.31 3.84 7.39
CA PRO B 127 -35.10 2.63 7.64
C PRO B 127 -34.54 1.83 8.83
N LYS B 128 -35.42 1.37 9.72
CA LYS B 128 -34.98 0.61 10.88
C LYS B 128 -34.13 -0.61 10.53
N MET B 129 -34.51 -1.33 9.48
CA MET B 129 -33.77 -2.51 9.04
C MET B 129 -32.32 -2.20 8.69
N ALA B 130 -32.04 -0.94 8.37
CA ALA B 130 -30.69 -0.55 7.99
C ALA B 130 -29.67 -0.64 9.10
N PRO B 131 -28.64 -1.49 8.92
CA PRO B 131 -27.59 -1.64 9.93
C PRO B 131 -26.88 -0.31 10.19
N ALA B 132 -26.71 0.02 11.46
CA ALA B 132 -26.10 1.26 11.92
C ALA B 132 -25.23 2.06 10.93
N GLN B 133 -24.08 1.50 10.55
CA GLN B 133 -23.17 2.22 9.66
C GLN B 133 -23.51 2.23 8.18
N ASP B 134 -24.71 1.80 7.83
CA ASP B 134 -25.15 1.81 6.44
C ASP B 134 -26.23 2.85 6.19
N THR B 135 -25.83 4.11 6.29
CA THR B 135 -26.75 5.22 6.07
C THR B 135 -26.79 5.60 4.60
N TYR B 136 -27.86 6.28 4.21
CA TYR B 136 -28.00 6.71 2.84
C TYR B 136 -26.69 7.42 2.47
N GLU B 137 -26.24 8.31 3.35
CA GLU B 137 -25.01 9.07 3.13
C GLU B 137 -23.81 8.12 2.94
N SER B 138 -23.71 7.11 3.80
CA SER B 138 -22.63 6.14 3.73
C SER B 138 -22.62 5.41 2.39
N ILE B 139 -23.78 4.93 1.96
CA ILE B 139 -23.90 4.21 0.72
C ILE B 139 -23.79 5.12 -0.51
N PHE B 140 -24.49 6.25 -0.51
CA PHE B 140 -24.41 7.15 -1.66
C PHE B 140 -23.57 8.33 -1.22
N SER B 141 -22.29 8.04 -1.06
CA SER B 141 -21.28 8.98 -0.58
C SER B 141 -20.95 10.23 -1.38
N HIS B 142 -21.21 10.25 -2.67
CA HIS B 142 -20.88 11.44 -3.43
C HIS B 142 -21.93 11.80 -4.47
N PHE B 143 -21.96 13.09 -4.82
CA PHE B 143 -22.87 13.60 -5.84
C PHE B 143 -24.35 13.50 -5.52
N ARG B 144 -24.73 13.62 -4.26
CA ARG B 144 -26.15 13.53 -3.94
C ARG B 144 -26.77 14.85 -4.38
N GLU B 145 -27.85 14.79 -5.13
CA GLU B 145 -28.50 16.02 -5.60
C GLU B 145 -30.01 15.98 -5.42
N TYR B 146 -30.61 17.16 -5.32
CA TYR B 146 -32.04 17.23 -5.13
C TYR B 146 -32.75 18.27 -6.00
N GLU B 147 -33.83 17.86 -6.64
CA GLU B 147 -34.62 18.80 -7.44
C GLU B 147 -35.63 19.40 -6.50
N ILE B 148 -35.67 20.71 -6.42
CA ILE B 148 -36.62 21.38 -5.57
C ILE B 148 -37.71 22.07 -6.40
N ALA B 149 -38.96 21.68 -6.15
CA ALA B 149 -40.10 22.27 -6.85
C ALA B 149 -40.88 23.13 -5.87
N ILE B 150 -40.89 24.44 -6.12
CA ILE B 150 -41.60 25.38 -5.25
C ILE B 150 -42.90 25.87 -5.87
N ARG B 151 -43.90 26.09 -5.05
CA ARG B 151 -45.17 26.61 -5.54
C ARG B 151 -45.76 27.51 -4.48
N LYS B 152 -46.37 28.61 -4.92
CA LYS B 152 -47.00 29.57 -4.01
C LYS B 152 -48.47 29.15 -3.90
N VAL B 153 -48.95 28.95 -2.67
CA VAL B 153 -50.33 28.54 -2.43
C VAL B 153 -51.33 29.45 -3.15
N PRO B 154 -51.30 30.76 -2.84
CA PRO B 154 -52.24 31.68 -3.51
C PRO B 154 -51.85 31.82 -4.99
N GLY B 155 -51.03 30.89 -5.46
CA GLY B 155 -50.60 30.89 -6.84
C GLY B 155 -51.38 29.88 -7.66
N GLN B 156 -50.85 28.66 -7.79
CA GLN B 156 -51.53 27.62 -8.55
C GLN B 156 -50.77 26.29 -8.55
N PHE B 157 -51.07 25.45 -9.54
CA PHE B 157 -50.43 24.15 -9.68
C PHE B 157 -49.30 24.18 -10.70
N THR B 158 -48.57 25.29 -10.69
CA THR B 158 -47.43 25.48 -11.56
C THR B 158 -46.22 25.47 -10.64
N PHE B 159 -45.10 24.90 -11.11
CA PHE B 159 -43.91 24.81 -10.28
C PHE B 159 -42.66 25.41 -10.92
N THR B 160 -41.75 25.89 -10.08
CA THR B 160 -40.48 26.45 -10.52
C THR B 160 -39.39 25.57 -9.94
N HIS B 161 -38.41 25.22 -10.77
CA HIS B 161 -37.33 24.35 -10.35
C HIS B 161 -36.10 25.03 -9.76
N LYS B 162 -35.27 24.24 -9.07
CA LYS B 162 -34.06 24.71 -8.42
C LYS B 162 -33.31 23.46 -7.95
N LYS B 163 -32.13 23.21 -8.54
CA LYS B 163 -31.35 22.04 -8.19
C LYS B 163 -30.29 22.35 -7.14
N VAL B 164 -30.12 21.47 -6.16
CA VAL B 164 -29.14 21.69 -5.11
C VAL B 164 -28.29 20.46 -4.90
N LYS B 165 -27.09 20.66 -4.37
CA LYS B 165 -26.18 19.55 -4.16
C LYS B 165 -25.91 19.26 -2.69
N HIS B 166 -26.76 19.79 -1.81
CA HIS B 166 -26.60 19.55 -0.37
C HIS B 166 -27.92 19.17 0.27
N GLU B 167 -27.87 18.58 1.46
CA GLU B 167 -29.12 18.21 2.12
C GLU B 167 -29.75 19.43 2.77
N GLN B 168 -29.06 20.56 2.68
CA GLN B 168 -29.57 21.81 3.21
C GLN B 168 -29.66 22.78 2.05
N PHE B 169 -30.65 23.66 2.06
CA PHE B 169 -30.80 24.63 0.99
C PHE B 169 -31.53 25.87 1.46
N SER B 170 -31.37 26.95 0.73
CA SER B 170 -32.03 28.21 1.07
C SER B 170 -32.70 28.81 -0.16
N LEU B 171 -33.82 29.49 0.08
CA LEU B 171 -34.58 30.14 -0.98
C LEU B 171 -34.91 31.48 -0.36
N LEU B 172 -34.62 32.58 -1.06
CA LEU B 172 -34.94 33.88 -0.46
C LEU B 172 -36.36 34.39 -0.73
N THR B 173 -36.98 34.88 0.33
CA THR B 173 -38.33 35.41 0.35
C THR B 173 -38.25 36.92 0.16
N SER B 174 -37.63 37.35 -0.94
CA SER B 174 -37.49 38.78 -1.18
C SER B 174 -38.82 39.54 -1.02
N GLY B 175 -39.09 39.94 0.23
CA GLY B 175 -40.30 40.68 0.55
C GLY B 175 -41.60 40.12 0.01
N GLU B 176 -41.77 38.80 0.09
CA GLU B 176 -42.99 38.19 -0.40
C GLU B 176 -43.87 37.78 0.78
N VAL B 177 -45.17 37.66 0.53
CA VAL B 177 -46.12 37.23 1.55
C VAL B 177 -46.85 36.01 1.02
N GLY B 178 -47.46 35.24 1.92
CA GLY B 178 -48.18 34.07 1.48
C GLY B 178 -47.64 32.75 2.01
N GLU B 179 -47.97 31.68 1.32
CA GLU B 179 -47.53 30.35 1.73
C GLU B 179 -46.71 29.71 0.61
N PHE B 180 -45.57 29.13 0.99
CA PHE B 180 -44.69 28.45 0.04
C PHE B 180 -44.67 26.97 0.34
N CYS B 181 -44.88 26.16 -0.69
CA CYS B 181 -44.87 24.72 -0.56
C CYS B 181 -43.76 24.16 -1.45
N VAL B 182 -43.00 23.19 -0.94
CA VAL B 182 -41.94 22.64 -1.76
C VAL B 182 -41.93 21.13 -1.75
N GLN B 183 -41.49 20.54 -2.86
CA GLN B 183 -41.36 19.10 -3.01
C GLN B 183 -39.91 18.84 -3.35
N VAL B 184 -39.40 17.68 -2.96
CA VAL B 184 -38.02 17.35 -3.23
C VAL B 184 -37.84 16.04 -3.94
N LYS B 185 -37.01 16.03 -4.98
CA LYS B 185 -36.73 14.82 -5.73
C LYS B 185 -35.23 14.52 -5.70
N PRO B 186 -34.82 13.41 -5.05
CA PRO B 186 -33.42 12.99 -4.93
C PRO B 186 -32.81 12.25 -6.11
N SER B 187 -31.49 12.38 -6.24
CA SER B 187 -30.75 11.69 -7.30
C SER B 187 -29.26 11.73 -6.98
N VAL B 188 -28.49 10.94 -7.71
CA VAL B 188 -27.05 10.88 -7.56
C VAL B 188 -26.44 11.10 -8.93
N ALA B 189 -25.92 12.31 -9.14
CA ALA B 189 -25.31 12.77 -10.39
C ALA B 189 -24.57 11.75 -11.26
N SER B 190 -23.89 10.80 -10.66
CA SER B 190 -23.16 9.79 -11.42
C SER B 190 -23.98 8.51 -11.61
N ARG B 191 -25.14 8.43 -10.96
CA ARG B 191 -25.94 7.22 -11.04
C ARG B 191 -27.16 7.37 -11.94
N SER B 192 -27.86 6.27 -12.15
CA SER B 192 -29.03 6.25 -12.98
C SER B 192 -30.28 5.93 -12.16
N ASN B 193 -30.10 5.74 -10.86
CA ASN B 193 -31.22 5.44 -9.99
C ASN B 193 -32.28 6.48 -10.15
N LYS B 194 -33.52 6.05 -10.32
CA LYS B 194 -34.61 6.98 -10.45
C LYS B 194 -34.99 7.37 -9.01
N GLY B 195 -35.61 8.53 -8.86
CA GLY B 195 -36.02 8.99 -7.54
C GLY B 195 -37.46 9.44 -7.59
N MET B 196 -38.11 9.54 -6.44
CA MET B 196 -39.51 9.95 -6.38
C MET B 196 -39.77 11.20 -5.57
N TRP B 197 -40.70 12.02 -6.03
CA TRP B 197 -41.07 13.26 -5.35
C TRP B 197 -41.60 12.98 -3.96
N SER B 198 -41.23 13.84 -3.03
CA SER B 198 -41.64 13.69 -1.65
C SER B 198 -42.95 14.42 -1.48
N LYS B 199 -43.67 14.13 -0.40
CA LYS B 199 -44.92 14.80 -0.15
C LYS B 199 -44.57 16.27 0.01
N GLU B 200 -45.41 17.12 -0.55
CA GLU B 200 -45.21 18.56 -0.50
C GLU B 200 -45.23 19.05 0.94
N GLU B 201 -44.41 20.05 1.20
CA GLU B 201 -44.34 20.63 2.53
C GLU B 201 -44.51 22.12 2.35
N CYS B 202 -45.28 22.74 3.23
CA CYS B 202 -45.53 24.17 3.12
C CYS B 202 -45.13 24.89 4.40
N ILE B 203 -45.06 26.22 4.30
CA ILE B 203 -44.74 27.05 5.44
C ILE B 203 -45.29 28.43 5.13
N SER B 204 -45.77 29.11 6.18
CA SER B 204 -46.35 30.43 6.01
C SER B 204 -45.36 31.53 6.40
N LEU B 205 -45.36 32.60 5.63
CA LEU B 205 -44.46 33.70 5.91
C LEU B 205 -44.85 34.49 7.17
N THR B 206 -45.70 35.51 7.07
CA THR B 206 -46.03 36.27 8.28
C THR B 206 -47.43 36.11 8.85
N ARG B 207 -47.77 36.97 9.80
CA ARG B 207 -49.07 36.98 10.47
C ARG B 207 -49.38 38.40 10.95
N THR C 15 5.51 -22.20 2.81
CA THR C 15 5.74 -21.06 1.87
C THR C 15 6.76 -21.43 0.78
N LYS C 16 7.40 -20.41 0.20
CA LYS C 16 8.41 -20.61 -0.86
C LYS C 16 9.75 -20.05 -0.36
N PRO C 17 10.85 -20.78 -0.58
CA PRO C 17 12.17 -20.30 -0.11
C PRO C 17 12.66 -18.97 -0.70
N GLN C 18 12.62 -18.82 -2.02
CA GLN C 18 13.06 -17.57 -2.65
C GLN C 18 12.14 -16.42 -2.27
N CYS C 19 11.31 -16.63 -1.26
CA CYS C 19 10.38 -15.60 -0.79
C CYS C 19 10.78 -15.17 0.60
N ARG C 20 11.58 -15.99 1.26
CA ARG C 20 12.06 -15.71 2.61
C ARG C 20 13.32 -14.84 2.56
N PRO C 21 13.30 -13.67 3.22
CA PRO C 21 14.50 -12.85 3.15
C PRO C 21 15.71 -13.57 3.76
N GLU C 22 15.43 -14.50 4.66
CA GLU C 22 16.47 -15.29 5.31
C GLU C 22 17.35 -15.90 4.22
N ASP C 23 16.77 -16.10 3.04
CA ASP C 23 17.46 -16.73 1.92
C ASP C 23 18.40 -15.78 1.16
N TYR C 24 18.38 -14.50 1.51
CA TYR C 24 19.24 -13.54 0.84
C TYR C 24 20.34 -13.00 1.75
N ALA C 25 20.37 -13.47 2.99
CA ALA C 25 21.36 -13.00 3.96
C ALA C 25 22.84 -13.22 3.61
N THR C 26 23.22 -14.40 3.14
CA THR C 26 24.63 -14.64 2.82
C THR C 26 25.14 -13.86 1.62
N ARG C 27 24.32 -13.73 0.59
CA ARG C 27 24.72 -12.96 -0.57
C ARG C 27 24.75 -11.49 -0.18
N LEU C 28 23.83 -11.10 0.69
CA LEU C 28 23.83 -9.73 1.13
C LEU C 28 25.17 -9.51 1.84
N GLN C 29 25.62 -10.51 2.59
CA GLN C 29 26.89 -10.39 3.31
C GLN C 29 28.12 -10.42 2.40
N ASP C 30 28.10 -11.30 1.40
CA ASP C 30 29.22 -11.34 0.45
C ASP C 30 29.37 -9.95 -0.18
N LEU C 31 28.29 -9.40 -0.72
CA LEU C 31 28.35 -8.09 -1.35
C LEU C 31 28.99 -7.09 -0.41
N ARG C 32 28.51 -7.07 0.81
CA ARG C 32 29.05 -6.16 1.80
C ARG C 32 30.51 -6.48 2.16
N VAL C 33 30.95 -7.73 2.10
CA VAL C 33 32.35 -7.99 2.43
C VAL C 33 33.25 -7.61 1.27
N THR C 34 32.85 -7.91 0.03
CA THR C 34 33.66 -7.55 -1.13
C THR C 34 33.68 -6.02 -1.20
N PHE C 35 32.56 -5.40 -0.91
CA PHE C 35 32.48 -3.95 -0.96
C PHE C 35 33.40 -3.27 0.02
N HIS C 36 33.53 -3.84 1.21
CA HIS C 36 34.36 -3.25 2.23
C HIS C 36 35.83 -3.13 1.80
N ARG C 37 36.30 -4.11 1.03
CA ARG C 37 37.68 -4.11 0.59
C ARG C 37 38.06 -2.99 -0.35
N VAL C 38 37.11 -2.61 -1.20
CA VAL C 38 37.33 -1.60 -2.21
C VAL C 38 36.63 -0.28 -1.89
N LYS C 39 36.02 -0.22 -0.72
CA LYS C 39 35.28 0.96 -0.28
C LYS C 39 36.07 2.26 -0.35
N PRO C 40 37.30 2.26 0.18
CA PRO C 40 38.08 3.51 0.11
C PRO C 40 38.37 4.02 -1.31
N THR C 41 38.49 3.12 -2.28
CA THR C 41 38.72 3.56 -3.65
C THR C 41 37.43 4.18 -4.20
N LEU C 42 36.35 3.41 -4.24
CA LEU C 42 35.08 3.88 -4.76
C LEU C 42 34.52 5.11 -4.06
N GLN C 43 34.89 5.35 -2.81
CA GLN C 43 34.37 6.52 -2.11
C GLN C 43 35.36 7.67 -1.99
N ARG C 44 36.33 7.74 -2.90
CA ARG C 44 37.32 8.81 -2.86
C ARG C 44 36.77 10.14 -3.36
N GLU C 45 36.49 10.24 -4.65
CA GLU C 45 35.94 11.48 -5.19
C GLU C 45 34.80 11.89 -4.28
N ASP C 46 33.73 11.10 -4.33
CA ASP C 46 32.57 11.34 -3.51
C ASP C 46 32.23 12.78 -3.19
N ASP C 47 31.31 13.40 -3.92
CA ASP C 47 30.89 14.72 -3.48
C ASP C 47 30.02 14.15 -2.38
N TYR C 48 29.62 14.93 -1.40
CA TYR C 48 28.86 14.30 -0.34
C TYR C 48 27.36 14.34 -0.50
N SER C 49 26.91 14.14 -1.74
CA SER C 49 25.49 14.16 -2.05
C SER C 49 24.93 12.74 -1.96
N VAL C 50 23.61 12.66 -1.89
CA VAL C 50 22.89 11.41 -1.80
C VAL C 50 22.02 11.21 -3.02
N TRP C 51 22.15 10.06 -3.66
CA TRP C 51 21.37 9.70 -4.84
C TRP C 51 20.25 8.82 -4.29
N LEU C 52 20.61 7.68 -3.70
CA LEU C 52 19.63 6.78 -3.12
C LEU C 52 19.30 7.20 -1.67
N ASP C 53 18.38 8.13 -1.48
CA ASP C 53 18.04 8.54 -0.12
C ASP C 53 17.27 7.45 0.63
N GLY C 54 16.64 7.81 1.76
CA GLY C 54 15.94 6.83 2.56
C GLY C 54 14.50 6.41 2.25
N THR C 55 13.93 6.83 1.14
CA THR C 55 12.56 6.43 0.83
C THR C 55 12.54 5.83 -0.55
N VAL C 56 13.56 6.17 -1.32
CA VAL C 56 13.75 5.72 -2.69
C VAL C 56 13.06 4.41 -3.05
N VAL C 57 13.10 3.46 -2.13
CA VAL C 57 12.51 2.16 -2.38
C VAL C 57 11.31 1.85 -1.46
N LYS C 58 10.87 2.86 -0.73
CA LYS C 58 9.73 2.79 0.18
C LYS C 58 8.48 3.35 -0.50
N GLY C 59 7.35 3.26 0.18
CA GLY C 59 6.12 3.77 -0.41
C GLY C 59 5.52 2.71 -1.31
N CYS C 60 4.25 2.91 -1.69
CA CYS C 60 3.52 1.98 -2.55
C CYS C 60 4.28 1.42 -3.73
N TRP C 61 4.98 2.28 -4.47
CA TRP C 61 5.67 1.77 -5.65
C TRP C 61 7.15 1.46 -5.54
N GLY C 62 7.65 1.33 -4.32
CA GLY C 62 9.05 1.00 -4.13
C GLY C 62 9.42 -0.24 -4.92
N CYS C 63 8.53 -1.23 -4.92
CA CYS C 63 8.75 -2.47 -5.66
C CYS C 63 9.22 -2.12 -7.07
N SER C 64 8.57 -1.11 -7.64
CA SER C 64 8.89 -0.66 -8.99
C SER C 64 10.27 -0.05 -9.04
N VAL C 65 10.61 0.73 -8.02
CA VAL C 65 11.92 1.39 -7.99
C VAL C 65 13.02 0.37 -7.68
N MET C 66 12.68 -0.63 -6.87
CA MET C 66 13.67 -1.64 -6.50
C MET C 66 14.12 -2.40 -7.73
N ASP C 67 13.19 -2.71 -8.63
CA ASP C 67 13.53 -3.45 -9.86
C ASP C 67 14.33 -2.55 -10.77
N TRP C 68 13.85 -1.33 -10.96
CA TRP C 68 14.54 -0.39 -11.81
C TRP C 68 15.99 -0.30 -11.39
N LEU C 69 16.21 0.00 -10.11
CA LEU C 69 17.56 0.12 -9.57
C LEU C 69 18.44 -1.09 -9.84
N LEU C 70 17.97 -2.26 -9.42
CA LEU C 70 18.73 -3.49 -9.62
C LEU C 70 19.09 -3.74 -11.09
N ARG C 71 18.18 -3.40 -11.99
CA ARG C 71 18.45 -3.59 -13.43
C ARG C 71 19.49 -2.58 -13.88
N ARG C 72 19.35 -1.36 -13.39
CA ARG C 72 20.25 -0.26 -13.73
C ARG C 72 21.69 -0.62 -13.35
N TYR C 73 21.86 -1.27 -12.21
CA TYR C 73 23.18 -1.66 -11.77
C TYR C 73 23.70 -2.86 -12.53
N LEU C 74 22.90 -3.89 -12.64
CA LEU C 74 23.35 -5.07 -13.34
C LEU C 74 23.66 -4.78 -14.80
N GLU C 75 22.86 -3.90 -15.41
CA GLU C 75 23.01 -3.59 -16.82
C GLU C 75 23.83 -2.37 -17.25
N ILE C 76 23.88 -1.33 -16.43
CA ILE C 76 24.63 -0.14 -16.79
C ILE C 76 25.75 0.22 -15.84
N VAL C 77 25.42 0.46 -14.58
CA VAL C 77 26.41 0.86 -13.57
C VAL C 77 27.61 -0.09 -13.46
N PHE C 78 27.36 -1.35 -13.11
CA PHE C 78 28.48 -2.27 -12.99
C PHE C 78 29.31 -2.38 -14.26
N PRO C 79 28.66 -2.62 -15.41
CA PRO C 79 29.44 -2.74 -16.65
C PRO C 79 30.26 -1.49 -16.90
N ALA C 80 29.65 -0.32 -16.71
CA ALA C 80 30.36 0.93 -16.91
C ALA C 80 31.48 1.05 -15.90
N GLY C 81 31.31 0.39 -14.75
CA GLY C 81 32.31 0.42 -13.70
C GLY C 81 33.65 -0.17 -14.09
N ASP C 82 33.64 -1.17 -14.96
CA ASP C 82 34.87 -1.81 -15.40
C ASP C 82 35.84 -0.84 -16.12
N HIS C 83 35.30 0.21 -16.71
CA HIS C 83 36.11 1.19 -17.43
C HIS C 83 36.66 2.29 -16.51
N VAL C 84 35.85 2.74 -15.56
CA VAL C 84 36.29 3.78 -14.63
C VAL C 84 37.24 3.25 -13.56
N TYR C 85 37.14 1.97 -13.23
CA TYR C 85 38.01 1.37 -12.22
C TYR C 85 38.62 0.06 -12.72
N PRO C 86 39.54 0.14 -13.69
CA PRO C 86 40.16 -1.07 -14.23
C PRO C 86 40.81 -1.98 -13.19
N GLY C 87 41.24 -1.42 -12.06
CA GLY C 87 41.87 -2.23 -11.04
C GLY C 87 40.92 -3.14 -10.27
N LEU C 88 39.73 -2.63 -9.99
CA LEU C 88 38.73 -3.39 -9.24
C LEU C 88 37.84 -4.27 -10.09
N LYS C 89 38.20 -4.48 -11.36
CA LYS C 89 37.36 -5.29 -12.22
C LYS C 89 36.92 -6.59 -11.58
N THR C 90 37.83 -7.28 -10.91
CA THR C 90 37.52 -8.54 -10.25
C THR C 90 36.47 -8.35 -9.18
N GLU C 91 36.72 -7.43 -8.25
CA GLU C 91 35.76 -7.14 -7.19
C GLU C 91 34.42 -6.73 -7.78
N LEU C 92 34.45 -5.91 -8.82
CA LEU C 92 33.24 -5.45 -9.48
C LEU C 92 32.42 -6.62 -10.01
N HIS C 93 33.06 -7.52 -10.74
CA HIS C 93 32.40 -8.69 -11.31
C HIS C 93 31.79 -9.58 -10.24
N SER C 94 32.53 -9.78 -9.16
CA SER C 94 32.07 -10.61 -8.06
C SER C 94 30.74 -10.08 -7.52
N MET C 95 30.68 -8.77 -7.31
CA MET C 95 29.49 -8.14 -6.80
C MET C 95 28.34 -8.23 -7.80
N ARG C 96 28.60 -7.89 -9.06
CA ARG C 96 27.54 -7.94 -10.07
C ARG C 96 26.96 -9.34 -10.09
N SER C 97 27.86 -10.31 -10.05
CA SER C 97 27.54 -11.73 -10.07
C SER C 97 26.59 -12.11 -8.92
N THR C 98 26.96 -11.71 -7.70
CA THR C 98 26.15 -11.99 -6.53
C THR C 98 24.84 -11.21 -6.59
N LEU C 99 24.89 -9.98 -7.07
CA LEU C 99 23.69 -9.19 -7.15
C LEU C 99 22.78 -9.86 -8.16
N GLU C 100 23.39 -10.41 -9.20
CA GLU C 100 22.65 -11.10 -10.23
C GLU C 100 21.94 -12.30 -9.57
N SER C 101 22.69 -13.04 -8.76
CA SER C 101 22.15 -14.19 -8.06
C SER C 101 20.90 -13.80 -7.29
N ILE C 102 20.98 -12.69 -6.57
CA ILE C 102 19.85 -12.19 -5.80
C ILE C 102 18.64 -11.84 -6.69
N TYR C 103 18.88 -11.13 -7.80
CA TYR C 103 17.82 -10.73 -8.71
C TYR C 103 17.03 -11.90 -9.30
N LYS C 104 17.73 -12.92 -9.77
CA LYS C 104 17.08 -14.09 -10.34
C LYS C 104 16.16 -14.73 -9.31
N ASP C 105 16.56 -14.71 -8.04
CA ASP C 105 15.75 -15.29 -6.98
C ASP C 105 14.59 -14.40 -6.55
N MET C 106 14.77 -13.09 -6.64
CA MET C 106 13.72 -12.16 -6.28
C MET C 106 12.54 -12.17 -7.27
N ARG C 107 12.82 -12.38 -8.56
CA ARG C 107 11.75 -12.42 -9.56
C ARG C 107 11.13 -13.80 -9.65
N GLN C 108 11.29 -14.56 -8.59
CA GLN C 108 10.76 -15.92 -8.51
C GLN C 108 9.73 -15.93 -7.36
N CYS C 109 9.63 -14.79 -6.68
CA CYS C 109 8.68 -14.59 -5.57
C CYS C 109 7.78 -13.38 -5.86
N PRO C 110 6.47 -13.63 -6.09
CA PRO C 110 5.47 -12.60 -6.37
C PRO C 110 5.46 -11.49 -5.33
N LEU C 111 5.41 -11.90 -4.09
CA LEU C 111 5.37 -10.99 -2.96
C LEU C 111 6.56 -10.02 -2.92
N LEU C 112 7.67 -10.41 -3.54
CA LEU C 112 8.84 -9.55 -3.56
C LEU C 112 8.80 -8.47 -4.66
N GLY C 113 7.96 -8.70 -5.67
CA GLY C 113 7.82 -7.74 -6.75
C GLY C 113 6.60 -6.88 -6.50
N CYS C 114 6.03 -6.30 -7.55
CA CYS C 114 4.86 -5.48 -7.35
C CYS C 114 3.62 -6.36 -7.34
N GLY C 115 2.61 -5.93 -6.60
CA GLY C 115 1.39 -6.69 -6.47
C GLY C 115 0.42 -6.64 -7.63
N ASP C 116 0.39 -5.52 -8.34
CA ASP C 116 -0.53 -5.41 -9.45
C ASP C 116 -0.36 -6.61 -10.39
N LYS C 117 0.89 -6.97 -10.70
CA LYS C 117 1.14 -8.09 -11.60
C LYS C 117 0.36 -9.35 -11.23
N SER C 118 0.05 -9.52 -9.96
CA SER C 118 -0.69 -10.70 -9.49
C SER C 118 -2.20 -10.60 -9.75
N VAL C 119 -2.80 -9.46 -9.42
CA VAL C 119 -4.22 -9.25 -9.64
C VAL C 119 -4.55 -9.34 -11.13
N ILE C 120 -3.80 -8.61 -11.96
CA ILE C 120 -4.01 -8.64 -13.41
C ILE C 120 -3.93 -10.08 -13.91
N SER C 121 -3.01 -10.85 -13.33
CA SER C 121 -2.86 -12.24 -13.72
C SER C 121 -4.10 -13.08 -13.36
N ARG C 122 -4.56 -12.97 -12.12
CA ARG C 122 -5.73 -13.73 -11.68
C ARG C 122 -6.99 -13.38 -12.47
N LEU C 123 -7.12 -12.12 -12.85
CA LEU C 123 -8.28 -11.69 -13.60
C LEU C 123 -8.28 -12.27 -15.01
N SER C 124 -7.17 -12.14 -15.72
CA SER C 124 -7.10 -12.66 -17.08
C SER C 124 -7.25 -14.17 -17.18
N GLN C 125 -6.95 -14.89 -16.11
CA GLN C 125 -7.06 -16.35 -16.14
C GLN C 125 -8.49 -16.84 -16.05
N GLU C 126 -9.30 -16.17 -15.24
CA GLU C 126 -10.70 -16.53 -15.09
C GLU C 126 -11.37 -16.20 -16.41
N ALA C 127 -11.17 -14.96 -16.84
CA ALA C 127 -11.74 -14.48 -18.08
C ALA C 127 -11.26 -15.27 -19.28
N GLU C 128 -10.36 -16.23 -19.07
CA GLU C 128 -9.86 -17.02 -20.18
C GLU C 128 -10.16 -18.48 -20.06
N ARG C 129 -10.58 -18.91 -18.88
CA ARG C 129 -10.93 -20.31 -18.68
C ARG C 129 -12.45 -20.44 -18.93
N LYS C 130 -13.05 -19.34 -19.40
CA LYS C 130 -14.47 -19.29 -19.74
C LYS C 130 -14.57 -19.86 -21.15
N SER C 131 -15.66 -20.58 -21.43
CA SER C 131 -15.83 -21.18 -22.75
C SER C 131 -15.93 -20.16 -23.88
N ASP C 132 -16.05 -18.88 -23.54
CA ASP C 132 -16.17 -17.82 -24.55
C ASP C 132 -15.12 -16.75 -24.31
N ASN C 133 -14.08 -17.11 -23.58
CA ASN C 133 -12.98 -16.21 -23.25
C ASN C 133 -13.47 -15.05 -22.38
N GLY C 134 -14.62 -15.25 -21.75
CA GLY C 134 -15.16 -14.23 -20.87
C GLY C 134 -15.74 -12.96 -21.45
N THR C 135 -16.23 -13.00 -22.68
CA THR C 135 -16.84 -11.80 -23.27
C THR C 135 -18.17 -11.59 -22.57
N ARG C 136 -18.85 -12.71 -22.30
CA ARG C 136 -20.14 -12.70 -21.66
C ARG C 136 -20.12 -12.12 -20.25
N LYS C 137 -19.25 -12.64 -19.40
CA LYS C 137 -19.18 -12.15 -18.02
C LYS C 137 -18.72 -10.71 -18.01
N GLY C 138 -17.87 -10.37 -18.95
CA GLY C 138 -17.35 -9.01 -19.03
C GLY C 138 -18.43 -7.98 -19.31
N LEU C 139 -19.27 -8.26 -20.31
CA LEU C 139 -20.32 -7.32 -20.65
C LEU C 139 -21.40 -7.38 -19.58
N SER C 140 -21.48 -8.52 -18.91
CA SER C 140 -22.45 -8.75 -17.85
C SER C 140 -22.14 -7.93 -16.62
N GLU C 141 -20.87 -7.58 -16.47
CA GLU C 141 -20.45 -6.81 -15.30
C GLU C 141 -20.12 -5.35 -15.55
N LEU C 142 -20.57 -4.81 -16.67
CA LEU C 142 -20.33 -3.40 -16.92
C LEU C 142 -20.85 -2.58 -15.74
N ASP C 143 -21.92 -3.04 -15.10
CA ASP C 143 -22.44 -2.30 -13.96
C ASP C 143 -21.43 -2.28 -12.81
N THR C 144 -20.86 -3.44 -12.51
CA THR C 144 -19.86 -3.56 -11.45
C THR C 144 -18.63 -2.74 -11.83
N LEU C 145 -18.20 -2.86 -13.08
CA LEU C 145 -17.04 -2.10 -13.54
C LEU C 145 -17.24 -0.60 -13.28
N PHE C 146 -18.40 -0.06 -13.65
CA PHE C 146 -18.69 1.36 -13.44
C PHE C 146 -18.63 1.77 -11.97
N SER C 147 -18.83 0.82 -11.07
CA SER C 147 -18.78 1.12 -9.64
C SER C 147 -17.33 1.14 -9.19
N ARG C 148 -16.59 0.14 -9.62
CA ARG C 148 -15.20 0.04 -9.27
C ARG C 148 -14.51 1.31 -9.73
N LEU C 149 -14.82 1.70 -10.97
CA LEU C 149 -14.24 2.92 -11.55
C LEU C 149 -14.61 4.17 -10.78
N GLU C 150 -15.89 4.37 -10.48
CA GLU C 150 -16.22 5.57 -9.73
C GLU C 150 -15.57 5.49 -8.37
N GLU C 151 -15.66 4.32 -7.75
CA GLU C 151 -15.05 4.13 -6.45
C GLU C 151 -13.57 4.51 -6.53
N TYR C 152 -12.91 4.05 -7.59
CA TYR C 152 -11.49 4.37 -7.81
C TYR C 152 -11.25 5.87 -7.86
N LEU C 153 -11.94 6.58 -8.76
CA LEU C 153 -11.77 8.04 -8.86
C LEU C 153 -11.87 8.74 -7.51
N HIS C 154 -12.65 8.20 -6.58
CA HIS C 154 -12.78 8.84 -5.27
C HIS C 154 -11.67 8.44 -4.29
N SER C 155 -10.95 7.36 -4.59
CA SER C 155 -9.92 6.85 -3.69
C SER C 155 -8.63 7.67 -3.60
N ARG C 156 -8.37 8.50 -4.60
CA ARG C 156 -7.17 9.33 -4.58
C ARG C 156 -7.51 10.80 -4.81
N THR D 15 -5.95 22.50 -8.94
CA THR D 15 -6.57 21.20 -9.34
C THR D 15 -7.08 21.23 -10.78
N LYS D 16 -6.37 20.55 -11.67
CA LYS D 16 -6.74 20.51 -13.07
C LYS D 16 -8.12 19.88 -13.21
N PRO D 17 -8.83 20.16 -14.32
CA PRO D 17 -10.16 19.57 -14.48
C PRO D 17 -10.18 18.04 -14.53
N GLN D 18 -9.53 17.47 -15.53
CA GLN D 18 -9.48 16.01 -15.71
C GLN D 18 -9.14 15.30 -14.41
N CYS D 19 -8.68 16.04 -13.42
CA CYS D 19 -8.27 15.45 -12.16
C CYS D 19 -9.34 15.22 -11.11
N ARG D 20 -10.34 16.09 -11.06
CA ARG D 20 -11.40 15.95 -10.05
C ARG D 20 -12.54 15.02 -10.47
N PRO D 21 -13.04 14.19 -9.51
CA PRO D 21 -14.11 13.23 -9.74
C PRO D 21 -15.39 13.77 -10.37
N GLU D 22 -15.73 15.02 -10.06
CA GLU D 22 -16.93 15.67 -10.59
C GLU D 22 -16.97 15.69 -12.11
N ASP D 23 -15.81 15.68 -12.75
CA ASP D 23 -15.75 15.72 -14.20
C ASP D 23 -16.26 14.43 -14.81
N TYR D 24 -16.20 13.36 -14.02
CA TYR D 24 -16.65 12.07 -14.51
C TYR D 24 -18.09 11.71 -14.19
N ALA D 25 -18.74 12.48 -13.32
CA ALA D 25 -20.11 12.20 -12.93
C ALA D 25 -21.08 11.99 -14.11
N THR D 26 -21.24 12.99 -14.97
CA THR D 26 -22.12 12.85 -16.11
C THR D 26 -21.83 11.64 -17.02
N ARG D 27 -20.58 11.43 -17.37
CA ARG D 27 -20.26 10.30 -18.22
C ARG D 27 -20.49 8.99 -17.50
N LEU D 28 -20.20 8.95 -16.21
CA LEU D 28 -20.44 7.73 -15.45
C LEU D 28 -21.95 7.45 -15.51
N GLN D 29 -22.75 8.50 -15.33
CA GLN D 29 -24.21 8.39 -15.38
C GLN D 29 -24.69 7.93 -16.76
N ASP D 30 -24.13 8.47 -17.83
CA ASP D 30 -24.56 8.06 -19.16
C ASP D 30 -24.33 6.57 -19.32
N LEU D 31 -23.10 6.15 -19.06
CA LEU D 31 -22.72 4.75 -19.16
C LEU D 31 -23.76 3.87 -18.52
N ARG D 32 -24.23 4.27 -17.34
CA ARG D 32 -25.21 3.50 -16.61
C ARG D 32 -26.63 3.50 -17.15
N VAL D 33 -27.12 4.64 -17.64
CA VAL D 33 -28.47 4.64 -18.18
C VAL D 33 -28.47 3.78 -19.44
N THR D 34 -27.44 3.94 -20.27
CA THR D 34 -27.36 3.13 -21.48
C THR D 34 -27.29 1.67 -21.07
N PHE D 35 -26.48 1.35 -20.05
CA PHE D 35 -26.36 -0.03 -19.63
C PHE D 35 -27.67 -0.56 -19.07
N HIS D 36 -28.52 0.34 -18.60
CA HIS D 36 -29.81 -0.05 -18.05
C HIS D 36 -30.82 -0.54 -19.09
N ARG D 37 -30.83 0.05 -20.29
CA ARG D 37 -31.77 -0.39 -21.32
C ARG D 37 -31.42 -1.73 -21.95
N VAL D 38 -30.15 -2.10 -21.86
CA VAL D 38 -29.71 -3.37 -22.45
C VAL D 38 -29.33 -4.42 -21.39
N LYS D 39 -29.44 -4.03 -20.14
CA LYS D 39 -29.10 -4.88 -19.00
C LYS D 39 -29.71 -6.27 -18.96
N PRO D 40 -31.04 -6.38 -19.17
CA PRO D 40 -31.69 -7.70 -19.13
C PRO D 40 -31.15 -8.68 -20.18
N THR D 41 -30.63 -8.14 -21.28
CA THR D 41 -30.05 -8.95 -22.36
C THR D 41 -28.64 -9.40 -21.98
N LEU D 42 -27.86 -8.48 -21.41
CA LEU D 42 -26.50 -8.78 -21.04
C LEU D 42 -26.35 -9.58 -19.76
N GLN D 43 -27.26 -9.39 -18.81
CA GLN D 43 -27.20 -10.15 -17.55
C GLN D 43 -28.23 -11.28 -17.57
N ARG D 44 -28.42 -11.87 -18.75
CA ARG D 44 -29.39 -12.94 -18.94
C ARG D 44 -28.77 -14.33 -18.79
N GLU D 45 -27.48 -14.42 -19.03
CA GLU D 45 -26.72 -15.68 -18.92
C GLU D 45 -27.02 -16.38 -17.59
N ASP D 46 -26.52 -17.60 -17.44
CA ASP D 46 -26.76 -18.38 -16.22
C ASP D 46 -25.63 -18.34 -15.18
N ASP D 47 -24.50 -17.72 -15.54
CA ASP D 47 -23.36 -17.63 -14.63
C ASP D 47 -23.51 -16.53 -13.60
N TYR D 48 -23.53 -16.90 -12.32
CA TYR D 48 -23.68 -15.90 -11.25
C TYR D 48 -22.39 -15.72 -10.43
N SER D 49 -21.25 -15.84 -11.10
CA SER D 49 -19.95 -15.67 -10.45
C SER D 49 -19.54 -14.20 -10.57
N VAL D 50 -18.61 -13.78 -9.72
CA VAL D 50 -18.14 -12.40 -9.71
C VAL D 50 -16.72 -12.25 -10.23
N TRP D 51 -16.57 -11.68 -11.42
CA TRP D 51 -15.25 -11.49 -12.01
C TRP D 51 -14.48 -10.33 -11.39
N LEU D 52 -15.14 -9.18 -11.29
CA LEU D 52 -14.53 -7.98 -10.70
C LEU D 52 -14.95 -7.88 -9.24
N ASP D 53 -14.22 -8.56 -8.36
CA ASP D 53 -14.54 -8.57 -6.93
C ASP D 53 -14.38 -7.20 -6.30
N GLY D 54 -14.82 -7.10 -5.05
CA GLY D 54 -14.76 -5.85 -4.32
C GLY D 54 -13.39 -5.24 -4.11
N THR D 55 -12.33 -6.03 -4.13
CA THR D 55 -10.99 -5.48 -3.91
C THR D 55 -10.17 -5.18 -5.16
N VAL D 56 -10.64 -5.68 -6.30
CA VAL D 56 -9.93 -5.55 -7.57
C VAL D 56 -9.20 -4.24 -7.86
N VAL D 57 -9.71 -3.13 -7.34
CA VAL D 57 -9.11 -1.84 -7.62
C VAL D 57 -8.73 -1.09 -6.34
N LYS D 58 -8.68 -1.80 -5.23
CA LYS D 58 -8.32 -1.19 -3.97
C LYS D 58 -6.83 -1.40 -3.71
N GLY D 59 -6.24 -0.48 -2.94
CA GLY D 59 -4.84 -0.60 -2.59
C GLY D 59 -3.82 0.08 -3.49
N CYS D 60 -2.55 -0.22 -3.22
CA CYS D 60 -1.41 0.31 -3.97
C CYS D 60 -1.47 -0.05 -5.45
N TRP D 61 -1.83 -1.31 -5.69
CA TRP D 61 -1.93 -1.87 -7.03
C TRP D 61 -3.10 -1.34 -7.85
N GLY D 62 -4.09 -0.76 -7.17
CA GLY D 62 -5.27 -0.23 -7.82
C GLY D 62 -5.08 0.58 -9.09
N CYS D 63 -4.26 1.63 -9.02
CA CYS D 63 -4.02 2.48 -10.19
C CYS D 63 -3.72 1.61 -11.42
N SER D 64 -2.89 0.59 -11.23
CA SER D 64 -2.48 -0.29 -12.32
C SER D 64 -3.58 -1.19 -12.82
N VAL D 65 -4.30 -1.82 -11.90
CA VAL D 65 -5.38 -2.71 -12.27
C VAL D 65 -6.46 -1.94 -13.04
N MET D 66 -6.82 -0.75 -12.54
CA MET D 66 -7.84 0.08 -13.19
C MET D 66 -7.51 0.33 -14.66
N ASP D 67 -6.28 0.76 -14.93
CA ASP D 67 -5.80 1.02 -16.28
C ASP D 67 -5.93 -0.23 -17.13
N TRP D 68 -5.58 -1.37 -16.55
CA TRP D 68 -5.62 -2.62 -17.29
C TRP D 68 -7.05 -3.00 -17.63
N LEU D 69 -7.97 -2.78 -16.70
CA LEU D 69 -9.38 -3.09 -16.94
C LEU D 69 -9.92 -2.18 -18.02
N LEU D 70 -9.59 -0.89 -17.95
CA LEU D 70 -10.07 0.03 -18.94
C LEU D 70 -9.60 -0.37 -20.35
N ARG D 71 -8.32 -0.66 -20.49
CA ARG D 71 -7.79 -1.04 -21.80
C ARG D 71 -8.38 -2.38 -22.24
N ARG D 72 -8.49 -3.31 -21.30
CA ARG D 72 -9.06 -4.61 -21.59
C ARG D 72 -10.42 -4.45 -22.27
N TYR D 73 -11.33 -3.78 -21.56
CA TYR D 73 -12.68 -3.53 -22.05
C TYR D 73 -12.68 -2.78 -23.39
N LEU D 74 -12.00 -1.64 -23.43
CA LEU D 74 -11.94 -0.82 -24.63
C LEU D 74 -11.35 -1.50 -25.85
N GLU D 75 -10.36 -2.36 -25.63
CA GLU D 75 -9.66 -3.03 -26.73
C GLU D 75 -10.04 -4.44 -27.08
N ILE D 76 -10.46 -5.23 -26.08
CA ILE D 76 -10.81 -6.63 -26.31
C ILE D 76 -12.30 -6.99 -26.17
N VAL D 77 -12.90 -6.63 -25.04
CA VAL D 77 -14.30 -6.99 -24.78
C VAL D 77 -15.39 -6.30 -25.60
N PHE D 78 -15.47 -4.97 -25.56
CA PHE D 78 -16.50 -4.32 -26.34
C PHE D 78 -16.47 -4.81 -27.79
N PRO D 79 -15.31 -4.68 -28.46
CA PRO D 79 -15.26 -5.14 -29.86
C PRO D 79 -15.82 -6.55 -29.98
N ALA D 80 -15.49 -7.39 -29.01
CA ALA D 80 -15.97 -8.78 -29.00
C ALA D 80 -17.50 -8.78 -28.92
N GLY D 81 -18.05 -7.76 -28.26
CA GLY D 81 -19.49 -7.66 -28.09
C GLY D 81 -20.31 -7.58 -29.36
N ASP D 82 -19.84 -6.83 -30.34
CA ASP D 82 -20.56 -6.71 -31.60
C ASP D 82 -20.82 -8.10 -32.19
N HIS D 83 -19.87 -9.01 -31.98
CA HIS D 83 -20.01 -10.37 -32.49
C HIS D 83 -20.97 -11.25 -31.71
N VAL D 84 -21.33 -10.84 -30.49
CA VAL D 84 -22.22 -11.65 -29.67
C VAL D 84 -23.61 -11.02 -29.53
N TYR D 85 -23.67 -9.71 -29.45
CA TYR D 85 -24.94 -9.02 -29.31
C TYR D 85 -25.09 -8.01 -30.46
N PRO D 86 -25.30 -8.52 -31.68
CA PRO D 86 -25.46 -7.67 -32.88
C PRO D 86 -26.55 -6.60 -32.76
N GLY D 87 -27.70 -6.98 -32.21
CA GLY D 87 -28.77 -6.01 -32.09
C GLY D 87 -28.52 -4.94 -31.05
N LEU D 88 -27.34 -4.97 -30.41
CA LEU D 88 -27.00 -4.00 -29.37
C LEU D 88 -25.83 -3.09 -29.69
N LYS D 89 -25.27 -3.24 -30.89
CA LYS D 89 -24.13 -2.43 -31.32
C LYS D 89 -24.26 -0.93 -31.01
N THR D 90 -25.45 -0.39 -31.13
CA THR D 90 -25.65 1.03 -30.89
C THR D 90 -25.32 1.39 -29.45
N GLU D 91 -25.88 0.62 -28.52
CA GLU D 91 -25.64 0.86 -27.12
C GLU D 91 -24.19 0.56 -26.78
N LEU D 92 -23.70 -0.58 -27.28
CA LEU D 92 -22.32 -0.97 -27.01
C LEU D 92 -21.34 0.05 -27.56
N HIS D 93 -21.60 0.58 -28.75
CA HIS D 93 -20.67 1.55 -29.28
C HIS D 93 -20.68 2.81 -28.43
N SER D 94 -21.84 3.16 -27.88
CA SER D 94 -21.96 4.35 -27.04
C SER D 94 -21.14 4.19 -25.78
N MET D 95 -21.38 3.10 -25.06
CA MET D 95 -20.66 2.83 -23.82
C MET D 95 -19.16 2.80 -24.06
N ARG D 96 -18.72 2.06 -25.06
CA ARG D 96 -17.30 2.00 -25.37
C ARG D 96 -16.77 3.40 -25.74
N SER D 97 -17.67 4.29 -26.15
CA SER D 97 -17.25 5.63 -26.52
C SER D 97 -17.18 6.57 -25.32
N THR D 98 -18.06 6.39 -24.36
CA THR D 98 -18.05 7.21 -23.15
C THR D 98 -16.89 6.72 -22.26
N LEU D 99 -16.77 5.40 -22.17
CA LEU D 99 -15.72 4.80 -21.37
C LEU D 99 -14.37 5.30 -21.88
N GLU D 100 -14.30 5.50 -23.20
CA GLU D 100 -13.11 5.98 -23.89
C GLU D 100 -12.85 7.45 -23.59
N SER D 101 -13.91 8.25 -23.57
CA SER D 101 -13.77 9.67 -23.28
C SER D 101 -13.18 9.75 -21.88
N ILE D 102 -13.69 8.90 -20.98
CA ILE D 102 -13.24 8.83 -19.60
C ILE D 102 -11.76 8.43 -19.44
N TYR D 103 -11.33 7.44 -20.22
CA TYR D 103 -9.94 6.95 -20.14
C TYR D 103 -8.90 8.02 -20.50
N LYS D 104 -8.91 8.49 -21.74
CA LYS D 104 -7.97 9.53 -22.19
C LYS D 104 -7.92 10.66 -21.17
N ASP D 105 -9.10 11.07 -20.72
CA ASP D 105 -9.23 12.14 -19.76
C ASP D 105 -8.47 11.87 -18.48
N MET D 106 -8.56 10.64 -17.98
CA MET D 106 -7.88 10.22 -16.75
C MET D 106 -6.36 10.23 -16.90
N ARG D 107 -5.88 10.19 -18.14
CA ARG D 107 -4.45 10.19 -18.37
C ARG D 107 -3.88 11.59 -18.18
N GLN D 108 -4.63 12.59 -18.63
CA GLN D 108 -4.21 13.97 -18.48
C GLN D 108 -3.90 14.26 -17.01
N CYS D 109 -4.47 13.44 -16.12
CA CYS D 109 -4.27 13.63 -14.69
C CYS D 109 -3.30 12.63 -14.08
N PRO D 110 -2.09 13.10 -13.75
CA PRO D 110 -1.02 12.29 -13.15
C PRO D 110 -1.49 11.57 -11.90
N LEU D 111 -2.08 12.34 -11.01
CA LEU D 111 -2.58 11.84 -9.73
C LEU D 111 -3.58 10.67 -9.84
N LEU D 112 -4.10 10.44 -11.03
CA LEU D 112 -5.06 9.36 -11.22
C LEU D 112 -4.41 8.05 -11.63
N GLY D 113 -3.14 8.16 -12.03
CA GLY D 113 -2.38 6.99 -12.44
C GLY D 113 -1.43 6.55 -11.34
N CYS D 114 -0.56 5.62 -11.68
CA CYS D 114 0.41 5.08 -10.73
C CYS D 114 1.56 6.02 -10.39
N GLY D 115 1.79 6.20 -9.09
CA GLY D 115 2.85 7.06 -8.63
C GLY D 115 4.15 6.28 -8.51
N ASP D 116 4.66 5.83 -9.64
CA ASP D 116 5.88 5.04 -9.68
C ASP D 116 6.86 5.54 -10.74
N LYS D 117 6.44 6.50 -11.55
CA LYS D 117 7.33 7.01 -12.58
C LYS D 117 8.14 8.23 -12.13
N SER D 118 7.60 8.97 -11.15
CA SER D 118 8.26 10.17 -10.67
C SER D 118 9.61 9.90 -9.99
N VAL D 119 9.65 8.89 -9.11
CA VAL D 119 10.90 8.59 -8.41
C VAL D 119 11.97 8.14 -9.41
N ILE D 120 11.57 7.33 -10.38
CA ILE D 120 12.53 6.88 -11.39
C ILE D 120 13.02 8.06 -12.21
N SER D 121 12.17 9.07 -12.39
CA SER D 121 12.56 10.27 -13.14
C SER D 121 13.70 10.96 -12.41
N ARG D 122 13.46 11.33 -11.15
CA ARG D 122 14.48 11.99 -10.37
C ARG D 122 15.83 11.26 -10.43
N LEU D 123 15.83 9.98 -10.06
CA LEU D 123 17.05 9.20 -10.05
C LEU D 123 17.78 9.26 -11.36
N SER D 124 17.07 8.94 -12.43
CA SER D 124 17.63 8.95 -13.77
C SER D 124 18.16 10.33 -14.13
N GLN D 125 17.34 11.35 -13.88
CA GLN D 125 17.73 12.71 -14.16
C GLN D 125 19.02 13.04 -13.43
N GLU D 126 19.00 12.98 -12.10
CA GLU D 126 20.18 13.28 -11.29
C GLU D 126 21.40 12.49 -11.73
N ALA D 127 21.19 11.27 -12.20
CA ALA D 127 22.31 10.45 -12.66
C ALA D 127 22.82 10.93 -14.03
N GLU D 128 21.96 11.58 -14.80
CA GLU D 128 22.38 12.06 -16.10
C GLU D 128 23.13 13.39 -16.03
N ARG D 129 22.83 14.18 -14.99
CA ARG D 129 23.46 15.48 -14.81
C ARG D 129 24.88 15.35 -14.27
N LYS D 130 25.46 14.17 -14.44
CA LYS D 130 26.82 13.90 -14.00
C LYS D 130 27.67 13.73 -15.24
N SER D 131 28.95 14.07 -15.15
CA SER D 131 29.86 13.96 -16.28
C SER D 131 30.16 12.54 -16.74
N ASP D 132 29.77 11.53 -15.95
CA ASP D 132 29.99 10.14 -16.34
C ASP D 132 28.69 9.34 -16.25
N ASN D 133 27.60 10.08 -16.07
CA ASN D 133 26.25 9.54 -15.98
C ASN D 133 25.90 8.81 -14.68
N GLY D 134 26.62 9.15 -13.62
CA GLY D 134 26.34 8.53 -12.34
C GLY D 134 27.08 7.26 -12.03
N THR D 135 27.95 6.80 -12.92
CA THR D 135 28.69 5.57 -12.66
C THR D 135 29.43 5.70 -11.33
N ARG D 136 30.15 6.81 -11.17
CA ARG D 136 30.88 7.05 -9.95
C ARG D 136 29.93 7.09 -8.75
N LYS D 137 28.98 8.02 -8.76
CA LYS D 137 28.03 8.10 -7.65
C LYS D 137 27.35 6.75 -7.41
N GLY D 138 27.16 6.01 -8.49
CA GLY D 138 26.52 4.72 -8.41
C GLY D 138 27.25 3.66 -7.61
N LEU D 139 28.53 3.47 -7.91
CA LEU D 139 29.31 2.46 -7.21
C LEU D 139 29.66 2.87 -5.76
N SER D 140 29.69 4.16 -5.49
CA SER D 140 30.05 4.60 -4.16
C SER D 140 28.89 4.47 -3.22
N GLU D 141 27.70 4.26 -3.77
CA GLU D 141 26.51 4.12 -2.97
C GLU D 141 26.07 2.65 -2.85
N LEU D 142 26.90 1.74 -3.36
CA LEU D 142 26.62 0.31 -3.29
C LEU D 142 26.22 -0.11 -1.87
N ASP D 143 26.95 0.39 -0.87
CA ASP D 143 26.62 0.08 0.51
C ASP D 143 25.16 0.51 0.74
N THR D 144 24.82 1.74 0.37
CA THR D 144 23.45 2.24 0.52
C THR D 144 22.46 1.32 -0.20
N LEU D 145 22.79 0.91 -1.43
CA LEU D 145 21.92 0.03 -2.18
C LEU D 145 21.64 -1.25 -1.39
N PHE D 146 22.70 -1.91 -0.94
CA PHE D 146 22.55 -3.15 -0.19
C PHE D 146 21.68 -2.95 1.06
N SER D 147 21.75 -1.81 1.70
CA SER D 147 20.90 -1.59 2.86
C SER D 147 19.46 -1.41 2.41
N ARG D 148 19.24 -0.68 1.32
CA ARG D 148 17.88 -0.48 0.85
C ARG D 148 17.28 -1.80 0.44
N LEU D 149 18.11 -2.63 -0.17
CA LEU D 149 17.67 -3.94 -0.61
C LEU D 149 17.26 -4.77 0.59
N GLU D 150 18.15 -4.86 1.58
CA GLU D 150 17.85 -5.66 2.77
C GLU D 150 16.62 -5.12 3.46
N GLU D 151 16.52 -3.80 3.59
CA GLU D 151 15.34 -3.20 4.22
C GLU D 151 14.08 -3.48 3.40
N TYR D 152 14.23 -3.44 2.07
CA TYR D 152 13.15 -3.69 1.16
C TYR D 152 12.62 -5.11 1.31
N LEU D 153 13.51 -6.08 1.52
CA LEU D 153 13.09 -7.47 1.68
C LEU D 153 12.30 -7.71 2.97
N HIS D 154 12.69 -7.07 4.06
CA HIS D 154 11.95 -7.27 5.31
C HIS D 154 10.63 -6.51 5.37
N SER D 155 10.40 -5.63 4.41
CA SER D 155 9.17 -4.86 4.40
C SER D 155 8.09 -5.59 3.61
N ARG D 156 8.51 -6.50 2.73
CA ARG D 156 7.59 -7.28 1.90
C ARG D 156 6.97 -8.46 2.64
#